data_6RLQ
#
_entry.id   6RLQ
#
_cell.length_a   101.132
_cell.length_b   137.854
_cell.length_c   178.617
_cell.angle_alpha   90.000
_cell.angle_beta   90.000
_cell.angle_gamma   90.000
#
_symmetry.space_group_name_H-M   'I 2 2 2'
#
loop_
_entity.id
_entity.type
_entity.pdbx_description
1 polymer 'Protein arginine N-methyltransferase 5'
2 polymer 'Methylosome protein 50'
3 non-polymer '(1~{S},2~{R},3~{S},5~{R})-3-[2-(2-azanyl-3-bromanyl-quinolin-7-yl)ethyl]-5-(4-azanylpyrrolo[2,3-d]pyrimidin-7-yl)cyclop entane-1,2-diol'
4 water water
#
loop_
_entity_poly.entity_id
_entity_poly.type
_entity_poly.pdbx_seq_one_letter_code
_entity_poly.pdbx_strand_id
1 'polypeptide(L)'
;DYKDDDDKAAMAVGGAGGSRVSSGRDLNCVPEIADTLGAVAKQGFDFLCMPVFHPRFKREFIQEPAKNRPGPQTRSDLLL
SGRDWNTLIVGKLSPWIRPDSKVEKIRRNSEAAMLQELNFGAYLGLPAFLLPLNQEDNTNLARVLTNHIHTGHHSSMFWM
RVPLVAPEDLRDDIIENAPTTHTEEYSGEEKTWMWWHNFRTLCDYSKRIAVALEIGADLPSNHVIDRWLGEPIKAAILPT
SIFLTNKKGFPVLSKMHQRLIFRLLKLEVQFIITGTNHHSEKEFCSYLQYLEYLSQNRPPPNAYELFAKGYEDYLQSPLQ
PLMDNLESQTYEVFEKDPIKYSQYQQAIYKCLLDRVPEEEKDTNVQVLMVLGAGRGPLVNASLRAAKQADRRIKLYAVEK
NPNAVVTLENWQFEEWGSQVTVVSSDMREWVAPEKADIIVSELLGSFADNELSPECLDGAQHFLKDDGVSIPGEYTSFLA
PISSSKLYNEVRACREKDRDPEAQFEMPYVVRLHNFHQLSAPQPCFTFSHPNRDPMIDNNRYCTLEFPVEVNTVLHGFAG
YFETVLYQDITLSIRPETHSPGMFSWFPILFPIKQPITVREGQTICVRFWRCSNSKKVWYEWAVTAPVCSAIHNPTGRSY
TIGL
;
A
2 'polypeptide(L)'
;MHHHHHHRKETPPPLVPPAAREWNLPPNAPACMERQLEAARYRSDGALLLGASSLSGRCWAGSLWLFKDPCAAPNEGFCS
AGVQTEAGVADLTWVGERGILVASDSGAVELWELDENETLIVSKFCKYEHDDIVSTVSVLSSGTQAVSGSKDICIKVWDL
AQQVVLSSYRAHAAQVTCVAASPHKDSVFLSCSEDNRILLWDTRCPKPASQIGCSAPGYLPTSLAWHPQQSEVFVFGDEN
GTVSLVDTKSTSCVLSSAVHSQCVTGLVFSPHSVPFLASLSEDCSLAVLDSSLSELFRSQAHRDFVRDATWSPLNHSLLT
TVGWDHQVVHHVVPTEPLPAPGPASVTE
;
B
#
loop_
_chem_comp.id
_chem_comp.type
_chem_comp.name
_chem_comp.formula
K8N non-polymer '(1~{S},2~{R},3~{S},5~{R})-3-[2-(2-azanyl-3-bromanyl-quinolin-7-yl)ethyl]-5-(4-azanylpyrrolo[2,3-d]pyrimidin-7-yl)cyclop entane-1,2-diol' 'C22 H23 Br N6 O2'
#
# COMPACT_ATOMS: atom_id res chain seq x y z
N ARG A 20 -3.40 -19.53 -6.99
CA ARG A 20 -3.54 -18.84 -5.67
C ARG A 20 -2.23 -18.11 -5.36
N VAL A 21 -1.95 -17.05 -6.13
CA VAL A 21 -1.21 -15.78 -5.77
C VAL A 21 -1.46 -14.78 -6.90
N SER A 22 -2.17 -13.69 -6.58
CA SER A 22 -2.71 -12.71 -7.56
C SER A 22 -1.67 -11.62 -7.83
N SER A 23 -1.34 -11.35 -9.10
CA SER A 23 -0.14 -10.55 -9.47
C SER A 23 -0.37 -9.69 -10.71
N GLY A 24 0.09 -8.45 -10.65
CA GLY A 24 0.10 -7.50 -11.78
C GLY A 24 1.50 -7.07 -12.20
N ARG A 25 1.58 -6.51 -13.41
CA ARG A 25 2.72 -5.74 -13.96
C ARG A 25 2.42 -4.23 -13.82
N ASP A 26 3.41 -3.46 -13.34
CA ASP A 26 3.47 -1.98 -13.46
C ASP A 26 4.25 -1.66 -14.72
N LEU A 27 3.72 -0.76 -15.53
CA LEU A 27 4.39 -0.22 -16.74
C LEU A 27 4.20 1.30 -16.80
N ASN A 28 5.11 2.02 -17.44
CA ASN A 28 4.93 3.48 -17.63
C ASN A 28 4.90 3.76 -19.12
N CYS A 29 4.74 2.72 -19.88
CA CYS A 29 5.01 2.76 -21.32
C CYS A 29 4.25 1.62 -21.99
N VAL A 30 3.27 2.00 -22.80
CA VAL A 30 2.25 1.12 -23.43
C VAL A 30 2.07 1.72 -24.81
N PRO A 31 2.91 1.28 -25.78
CA PRO A 31 2.72 1.68 -27.17
C PRO A 31 1.32 1.39 -27.69
N GLU A 32 0.87 0.17 -27.45
CA GLU A 32 -0.40 -0.38 -27.95
C GLU A 32 -1.00 -1.13 -26.76
N ILE A 33 -2.15 -0.69 -26.25
CA ILE A 33 -2.80 -1.34 -25.06
C ILE A 33 -3.16 -2.80 -25.40
N ALA A 34 -3.53 -3.02 -26.65
CA ALA A 34 -3.89 -4.33 -27.24
C ALA A 34 -2.77 -5.37 -27.00
N ASP A 35 -1.56 -5.07 -27.49
CA ASP A 35 -0.41 -6.02 -27.59
C ASP A 35 0.26 -6.20 -26.24
N THR A 36 0.50 -5.11 -25.51
CA THR A 36 1.06 -5.11 -24.14
C THR A 36 0.21 -6.03 -23.26
N LEU A 37 -1.10 -5.80 -23.18
CA LEU A 37 -1.96 -6.67 -22.34
C LEU A 37 -1.69 -8.14 -22.68
N GLY A 38 -1.67 -8.51 -23.98
CA GLY A 38 -1.35 -9.88 -24.44
C GLY A 38 0.06 -10.38 -24.06
N ALA A 39 1.11 -9.57 -24.22
CA ALA A 39 2.46 -9.84 -23.71
C ALA A 39 2.39 -10.20 -22.22
N VAL A 40 1.66 -9.37 -21.47
CA VAL A 40 1.57 -9.40 -19.98
C VAL A 40 0.76 -10.62 -19.53
N ALA A 41 -0.34 -10.96 -20.22
CA ALA A 41 -1.12 -12.18 -19.92
C ALA A 41 -0.20 -13.39 -20.12
N LYS A 42 0.59 -13.36 -21.19
CA LYS A 42 1.41 -14.52 -21.62
C LYS A 42 2.51 -14.76 -20.59
N GLN A 43 2.88 -13.73 -19.81
CA GLN A 43 3.94 -13.83 -18.78
C GLN A 43 3.36 -14.47 -17.51
N GLY A 44 2.02 -14.52 -17.37
CA GLY A 44 1.35 -15.14 -16.21
C GLY A 44 0.61 -14.12 -15.35
N PHE A 45 0.76 -12.83 -15.64
CA PHE A 45 0.22 -11.74 -14.79
C PHE A 45 -1.29 -11.76 -14.88
N ASP A 46 -1.97 -11.36 -13.81
CA ASP A 46 -3.45 -11.35 -13.74
C ASP A 46 -3.99 -9.99 -14.18
N PHE A 47 -3.19 -8.91 -14.17
CA PHE A 47 -3.68 -7.52 -14.45
C PHE A 47 -2.52 -6.56 -14.71
N LEU A 48 -2.81 -5.39 -15.25
CA LEU A 48 -1.80 -4.45 -15.75
C LEU A 48 -2.07 -3.09 -15.11
N CYS A 49 -1.08 -2.50 -14.43
CA CYS A 49 -1.14 -1.09 -13.96
C CYS A 49 -0.54 -0.21 -15.06
N MET A 50 -1.35 0.60 -15.74
CA MET A 50 -0.85 1.46 -16.84
C MET A 50 -1.39 2.87 -16.72
N PRO A 51 -0.74 3.81 -17.41
CA PRO A 51 -1.31 5.14 -17.59
C PRO A 51 -2.57 5.12 -18.47
N VAL A 52 -3.46 6.04 -18.17
CA VAL A 52 -4.74 6.25 -18.89
C VAL A 52 -4.66 7.50 -19.78
N PHE A 53 -3.67 8.35 -19.53
CA PHE A 53 -3.18 9.42 -20.44
C PHE A 53 -1.69 9.19 -20.61
N HIS A 54 -1.05 9.83 -21.58
CA HIS A 54 0.42 9.66 -21.75
C HIS A 54 1.08 10.35 -20.54
N PRO A 55 1.98 9.64 -19.84
CA PRO A 55 2.60 10.19 -18.63
C PRO A 55 3.47 11.43 -18.87
N ARG A 56 3.82 11.75 -20.12
CA ARG A 56 4.55 12.99 -20.49
C ARG A 56 3.65 14.03 -21.15
N PHE A 57 2.38 13.73 -21.49
CA PHE A 57 1.44 14.67 -22.17
C PHE A 57 0.84 15.69 -21.18
N LYS A 58 1.68 16.57 -20.61
CA LYS A 58 1.22 17.66 -19.73
C LYS A 58 0.11 18.42 -20.45
N ARG A 59 -0.85 18.96 -19.70
CA ARG A 59 -2.06 19.64 -20.26
C ARG A 59 -2.28 20.98 -19.57
N GLU A 60 -2.65 21.98 -20.34
CA GLU A 60 -2.99 23.32 -19.85
C GLU A 60 -4.51 23.37 -19.84
N PHE A 61 -5.06 23.87 -18.74
CA PHE A 61 -6.51 24.09 -18.51
C PHE A 61 -6.82 25.60 -18.56
N ILE A 62 -5.84 26.49 -18.33
CA ILE A 62 -6.17 27.93 -18.12
C ILE A 62 -5.59 28.80 -19.26
N GLN A 63 -4.25 28.92 -19.42
CA GLN A 63 -3.60 29.92 -20.33
C GLN A 63 -3.74 29.46 -21.80
N GLU A 64 -4.21 30.37 -22.67
CA GLU A 64 -4.17 30.23 -24.16
C GLU A 64 -2.70 30.42 -24.56
N PRO A 65 -2.15 29.72 -25.58
CA PRO A 65 -2.92 28.86 -26.48
C PRO A 65 -2.99 27.35 -26.21
N ALA A 66 -2.20 26.82 -25.28
CA ALA A 66 -2.13 25.37 -25.00
C ALA A 66 -3.47 24.81 -24.49
N LYS A 67 -4.26 25.58 -23.71
CA LYS A 67 -5.54 25.06 -23.15
C LYS A 67 -6.43 24.57 -24.30
N ASN A 68 -6.32 25.18 -25.49
CA ASN A 68 -7.12 24.80 -26.70
C ASN A 68 -6.36 23.72 -27.51
N ARG A 69 -5.41 22.99 -26.90
CA ARG A 69 -4.68 21.92 -27.65
C ARG A 69 -5.72 21.04 -28.32
N PRO A 70 -5.75 20.98 -29.66
CA PRO A 70 -6.74 20.17 -30.33
C PRO A 70 -6.46 18.69 -30.07
N GLY A 71 -7.29 17.88 -30.72
CA GLY A 71 -7.08 16.45 -30.97
C GLY A 71 -7.67 15.75 -29.77
N PRO A 72 -7.67 14.39 -29.83
CA PRO A 72 -8.05 13.54 -28.69
C PRO A 72 -7.03 13.61 -27.55
N GLN A 73 -7.47 13.55 -26.30
CA GLN A 73 -6.60 13.76 -25.12
C GLN A 73 -5.91 12.45 -24.72
N THR A 74 -6.55 11.32 -24.97
CA THR A 74 -5.99 9.98 -24.72
C THR A 74 -6.60 8.98 -25.71
N ARG A 75 -6.15 7.74 -25.60
CA ARG A 75 -6.70 6.54 -26.30
C ARG A 75 -8.21 6.41 -26.08
N SER A 76 -8.87 5.69 -27.00
CA SER A 76 -10.30 5.27 -26.93
C SER A 76 -10.53 4.12 -25.94
N ASP A 77 -11.62 4.24 -25.19
CA ASP A 77 -12.26 3.17 -24.39
C ASP A 77 -12.56 1.97 -25.28
N LEU A 78 -12.81 2.17 -26.57
CA LEU A 78 -13.19 1.04 -27.47
C LEU A 78 -11.99 0.09 -27.72
N LEU A 79 -10.77 0.45 -27.33
CA LEU A 79 -9.61 -0.46 -27.52
C LEU A 79 -9.72 -1.73 -26.70
N LEU A 80 -10.54 -1.78 -25.65
CA LEU A 80 -10.70 -3.02 -24.84
C LEU A 80 -12.17 -3.27 -24.52
N SER A 81 -12.53 -4.53 -24.24
CA SER A 81 -13.88 -4.88 -23.75
C SER A 81 -14.09 -4.26 -22.36
N GLY A 82 -15.20 -3.55 -22.17
CA GLY A 82 -15.76 -3.24 -20.85
C GLY A 82 -15.24 -4.21 -19.81
N ARG A 83 -15.39 -5.52 -20.01
CA ARG A 83 -14.95 -6.54 -19.03
C ARG A 83 -13.43 -6.37 -18.75
N ASP A 84 -12.62 -6.17 -19.79
CA ASP A 84 -11.15 -6.00 -19.63
C ASP A 84 -10.87 -4.75 -18.78
N TRP A 85 -11.50 -3.62 -19.05
CA TRP A 85 -11.34 -2.41 -18.22
C TRP A 85 -11.68 -2.76 -16.77
N ASN A 86 -12.76 -3.52 -16.52
CA ASN A 86 -13.31 -3.67 -15.15
C ASN A 86 -12.43 -4.63 -14.36
N THR A 87 -11.63 -5.49 -15.02
CA THR A 87 -10.89 -6.57 -14.28
C THR A 87 -9.38 -6.46 -14.48
N LEU A 88 -8.90 -6.22 -15.68
CA LEU A 88 -7.47 -6.37 -16.04
C LEU A 88 -6.72 -5.05 -15.86
N ILE A 89 -7.35 -3.88 -15.80
CA ILE A 89 -6.57 -2.61 -15.88
C ILE A 89 -6.59 -1.88 -14.54
N VAL A 90 -5.44 -1.43 -14.07
CA VAL A 90 -5.38 -0.49 -12.91
C VAL A 90 -4.76 0.79 -13.43
N GLY A 91 -5.45 1.90 -13.24
CA GLY A 91 -4.92 3.16 -13.77
C GLY A 91 -3.93 3.81 -12.84
N LYS A 92 -3.11 4.69 -13.37
CA LYS A 92 -2.04 5.45 -12.65
C LYS A 92 -2.21 6.94 -12.90
N LEU A 93 -2.05 7.74 -11.87
CA LEU A 93 -2.01 9.21 -12.02
C LEU A 93 -0.78 9.64 -12.86
N SER A 94 -0.95 10.53 -13.81
CA SER A 94 0.20 11.08 -14.54
C SER A 94 1.21 11.57 -13.48
N PRO A 95 2.53 11.30 -13.60
CA PRO A 95 3.47 11.74 -12.57
C PRO A 95 3.75 13.24 -12.47
N TRP A 96 3.37 14.05 -13.47
CA TRP A 96 3.49 15.53 -13.45
C TRP A 96 2.37 16.17 -12.62
N ILE A 97 1.31 15.42 -12.29
CA ILE A 97 0.17 16.05 -11.59
C ILE A 97 0.60 16.23 -10.14
N ARG A 98 0.69 17.48 -9.68
CA ARG A 98 1.28 17.80 -8.36
C ARG A 98 0.35 18.79 -7.66
N PRO A 99 -0.77 18.29 -7.08
CA PRO A 99 -1.75 19.19 -6.49
C PRO A 99 -1.15 20.01 -5.35
N ASP A 100 0.02 19.60 -4.89
CA ASP A 100 0.61 20.24 -3.70
C ASP A 100 1.83 21.12 -4.03
N SER A 101 2.08 21.46 -5.32
CA SER A 101 3.21 22.34 -5.74
C SER A 101 3.16 23.72 -5.04
N LYS A 102 4.29 24.38 -4.95
CA LYS A 102 4.38 25.71 -4.28
C LYS A 102 3.96 26.76 -5.31
N VAL A 103 3.85 26.36 -6.57
CA VAL A 103 3.55 27.22 -7.74
C VAL A 103 2.05 27.14 -7.95
N GLU A 104 1.32 28.21 -7.65
CA GLU A 104 -0.16 28.31 -7.83
C GLU A 104 -0.57 27.71 -9.18
N LYS A 105 0.06 28.15 -10.25
CA LYS A 105 -0.30 27.70 -11.62
C LYS A 105 -0.22 26.17 -11.71
N ILE A 106 0.70 25.52 -11.02
CA ILE A 106 0.78 24.04 -11.17
C ILE A 106 -0.29 23.44 -10.27
N ARG A 107 -0.54 24.08 -9.14
CA ARG A 107 -1.53 23.57 -8.18
C ARG A 107 -2.83 23.44 -8.97
N ARG A 108 -3.21 24.49 -9.73
CA ARG A 108 -4.49 24.60 -10.48
C ARG A 108 -4.46 23.67 -11.70
N ASN A 109 -3.45 23.67 -12.55
CA ASN A 109 -3.54 22.69 -13.67
C ASN A 109 -3.69 21.29 -13.07
N SER A 110 -2.95 20.95 -12.01
CA SER A 110 -2.86 19.56 -11.48
C SER A 110 -4.22 19.13 -10.92
N GLU A 111 -4.90 20.04 -10.20
CA GLU A 111 -6.31 19.94 -9.77
C GLU A 111 -7.17 19.44 -10.95
N ALA A 112 -7.21 20.17 -12.07
CA ALA A 112 -8.03 19.82 -13.26
C ALA A 112 -7.53 18.49 -13.85
N ALA A 113 -6.22 18.34 -13.96
CA ALA A 113 -5.56 17.12 -14.49
C ALA A 113 -6.05 15.88 -13.75
N MET A 114 -6.22 15.98 -12.43
CA MET A 114 -6.38 14.82 -11.52
C MET A 114 -7.84 14.40 -11.59
N LEU A 115 -8.74 15.37 -11.54
CA LEU A 115 -10.21 15.12 -11.65
C LEU A 115 -10.46 14.55 -13.04
N GLN A 116 -9.79 15.08 -14.07
CA GLN A 116 -9.83 14.54 -15.45
C GLN A 116 -9.36 13.10 -15.40
N GLU A 117 -8.20 12.78 -14.86
CA GLU A 117 -7.70 11.36 -14.89
C GLU A 117 -8.67 10.48 -14.08
N LEU A 118 -9.12 10.98 -12.92
CA LEU A 118 -9.90 10.18 -11.98
C LEU A 118 -11.27 9.90 -12.63
N ASN A 119 -11.81 10.91 -13.34
CA ASN A 119 -13.13 10.84 -13.99
C ASN A 119 -13.01 9.87 -15.18
N PHE A 120 -11.90 9.93 -15.92
CA PHE A 120 -11.65 8.96 -17.01
C PHE A 120 -11.56 7.54 -16.42
N GLY A 121 -10.90 7.34 -15.27
CA GLY A 121 -10.82 5.99 -14.66
C GLY A 121 -12.20 5.46 -14.38
N ALA A 122 -13.08 6.38 -13.92
CA ALA A 122 -14.51 6.13 -13.61
C ALA A 122 -15.29 5.75 -14.86
N TYR A 123 -15.12 6.52 -15.95
CA TYR A 123 -15.77 6.30 -17.27
C TYR A 123 -15.53 4.85 -17.74
N LEU A 124 -14.32 4.39 -17.48
CA LEU A 124 -13.86 3.04 -17.88
C LEU A 124 -14.28 2.01 -16.83
N GLY A 125 -14.63 2.41 -15.62
CA GLY A 125 -14.92 1.40 -14.57
C GLY A 125 -13.70 0.59 -14.16
N LEU A 126 -12.55 1.23 -14.04
CA LEU A 126 -11.31 0.58 -13.53
C LEU A 126 -11.56 0.11 -12.10
N PRO A 127 -11.15 -1.12 -11.78
CA PRO A 127 -11.32 -1.64 -10.42
C PRO A 127 -10.50 -0.82 -9.41
N ALA A 128 -9.43 -0.17 -9.87
CA ALA A 128 -8.58 0.69 -9.02
C ALA A 128 -7.70 1.61 -9.87
N PHE A 129 -7.24 2.64 -9.20
CA PHE A 129 -6.41 3.73 -9.73
C PHE A 129 -5.36 3.99 -8.63
N LEU A 130 -4.09 4.15 -9.03
CA LEU A 130 -2.89 4.30 -8.17
C LEU A 130 -2.56 5.80 -8.06
N LEU A 131 -2.40 6.29 -6.85
CA LEU A 131 -1.83 7.65 -6.64
C LEU A 131 -0.63 7.58 -5.70
N PRO A 132 0.40 8.41 -5.96
CA PRO A 132 1.59 8.47 -5.10
C PRO A 132 1.48 9.33 -3.84
N LEU A 133 1.96 8.81 -2.71
CA LEU A 133 2.47 9.63 -1.58
C LEU A 133 4.00 9.58 -1.60
N ASN A 134 4.63 10.62 -2.17
CA ASN A 134 6.10 10.72 -2.41
C ASN A 134 6.64 11.96 -1.69
N GLN A 135 5.84 12.66 -0.91
CA GLN A 135 6.26 13.83 -0.09
C GLN A 135 5.37 13.89 1.16
N GLU A 136 5.65 14.84 2.05
CA GLU A 136 5.01 14.96 3.38
C GLU A 136 3.66 15.69 3.25
N ASP A 137 3.57 16.71 2.40
CA ASP A 137 2.32 17.51 2.27
C ASP A 137 1.54 16.98 1.05
N ASN A 138 0.49 16.21 1.33
CA ASN A 138 -0.47 15.72 0.32
C ASN A 138 -1.87 16.25 0.64
N THR A 139 -1.96 17.44 1.24
CA THR A 139 -3.21 18.03 1.73
C THR A 139 -4.09 18.22 0.52
N ASN A 140 -3.73 19.06 -0.41
CA ASN A 140 -4.57 19.28 -1.62
C ASN A 140 -4.83 17.96 -2.36
N LEU A 141 -3.89 17.02 -2.41
CA LEU A 141 -4.14 15.71 -3.08
C LEU A 141 -5.33 14.98 -2.40
N ALA A 142 -5.43 15.00 -1.07
CA ALA A 142 -6.55 14.41 -0.30
C ALA A 142 -7.82 15.18 -0.65
N ARG A 143 -7.73 16.51 -0.72
CA ARG A 143 -8.91 17.39 -0.86
C ARG A 143 -9.51 17.04 -2.19
N VAL A 144 -8.68 16.97 -3.22
CA VAL A 144 -9.15 16.67 -4.58
C VAL A 144 -9.60 15.22 -4.62
N LEU A 145 -8.99 14.28 -3.92
CA LEU A 145 -9.48 12.89 -4.07
C LEU A 145 -10.82 12.82 -3.36
N THR A 146 -10.88 13.34 -2.13
CA THR A 146 -12.11 13.47 -1.31
C THR A 146 -13.21 14.10 -2.16
N ASN A 147 -12.90 15.10 -2.98
CA ASN A 147 -13.93 15.72 -3.86
C ASN A 147 -14.44 14.72 -4.89
N HIS A 148 -13.55 14.08 -5.67
CA HIS A 148 -13.89 13.02 -6.63
C HIS A 148 -14.83 12.02 -5.95
N ILE A 149 -14.50 11.60 -4.75
CA ILE A 149 -15.21 10.50 -4.08
C ILE A 149 -16.67 10.90 -3.87
N HIS A 150 -16.98 12.19 -3.73
CA HIS A 150 -18.35 12.71 -3.46
C HIS A 150 -18.95 13.34 -4.72
N THR A 151 -18.67 12.78 -5.91
CA THR A 151 -19.10 13.33 -7.21
C THR A 151 -19.41 12.19 -8.19
N GLY A 152 -20.69 12.06 -8.58
CA GLY A 152 -21.21 10.91 -9.33
C GLY A 152 -21.20 9.68 -8.46
N HIS A 153 -21.81 8.59 -8.92
CA HIS A 153 -21.71 7.26 -8.29
C HIS A 153 -20.64 6.51 -9.10
N HIS A 154 -19.54 6.17 -8.44
CA HIS A 154 -18.46 5.28 -8.93
C HIS A 154 -17.98 4.45 -7.74
N SER A 155 -17.08 3.50 -7.96
CA SER A 155 -16.56 2.68 -6.84
C SER A 155 -15.20 2.06 -7.23
N SER A 156 -14.36 2.82 -7.93
CA SER A 156 -12.91 2.53 -8.07
C SER A 156 -12.34 2.40 -6.65
N MET A 157 -11.38 1.49 -6.44
CA MET A 157 -10.52 1.50 -5.24
C MET A 157 -9.34 2.44 -5.53
N PHE A 158 -8.87 3.23 -4.56
CA PHE A 158 -7.70 4.14 -4.72
C PHE A 158 -6.51 3.57 -3.95
N TRP A 159 -5.51 3.13 -4.69
CA TRP A 159 -4.24 2.57 -4.17
C TRP A 159 -3.23 3.69 -4.00
N MET A 160 -2.95 4.08 -2.77
CA MET A 160 -1.93 5.08 -2.40
C MET A 160 -0.54 4.43 -2.37
N ARG A 161 0.25 4.61 -3.43
CA ARG A 161 1.67 4.13 -3.59
C ARG A 161 2.54 4.87 -2.59
N VAL A 162 3.06 4.13 -1.64
CA VAL A 162 3.80 4.69 -0.50
C VAL A 162 4.91 3.70 -0.20
N PRO A 163 6.15 4.17 -0.13
CA PRO A 163 7.29 3.30 0.12
C PRO A 163 7.52 3.02 1.62
N LEU A 164 8.02 1.82 1.95
CA LEU A 164 8.62 1.53 3.28
C LEU A 164 9.59 2.63 3.67
N VAL A 165 10.44 3.08 2.73
CA VAL A 165 11.53 4.07 2.98
C VAL A 165 11.41 5.21 1.97
N ALA A 166 11.20 6.44 2.45
CA ALA A 166 11.26 7.68 1.62
C ALA A 166 12.49 7.56 0.76
N PRO A 167 12.44 7.93 -0.52
CA PRO A 167 13.57 7.74 -1.42
C PRO A 167 14.76 8.61 -0.99
N GLU A 168 14.49 9.72 -0.28
CA GLU A 168 15.49 10.63 0.34
C GLU A 168 16.34 9.87 1.39
N ASP A 169 15.90 8.68 1.83
CA ASP A 169 16.46 7.93 2.98
C ASP A 169 17.11 6.65 2.48
N LEU A 170 17.08 6.41 1.15
CA LEU A 170 17.90 5.32 0.58
C LEU A 170 18.76 5.87 -0.58
N ARG A 171 18.90 7.19 -0.69
CA ARG A 171 19.88 7.78 -1.64
C ARG A 171 21.24 7.24 -1.21
N ASP A 172 21.95 6.62 -2.16
CA ASP A 172 23.43 6.47 -2.23
C ASP A 172 24.06 7.72 -1.61
N ASP A 173 25.09 7.52 -0.79
CA ASP A 173 25.74 8.59 -0.01
C ASP A 173 26.85 9.23 -0.85
N ILE A 174 26.51 10.18 -1.72
CA ILE A 174 27.47 10.58 -2.79
C ILE A 174 27.34 12.07 -3.07
N ILE A 175 26.74 12.83 -2.17
CA ILE A 175 26.81 14.31 -2.24
C ILE A 175 27.84 14.77 -1.17
N GLU A 176 29.06 15.17 -1.58
CA GLU A 176 30.18 15.53 -0.66
C GLU A 176 29.68 16.46 0.45
N ASN A 177 28.86 17.47 0.14
CA ASN A 177 28.42 18.52 1.11
C ASN A 177 26.96 18.27 1.52
N ALA A 178 26.49 17.02 1.48
CA ALA A 178 25.10 16.59 1.83
C ALA A 178 25.17 15.11 2.19
N PRO A 179 25.77 14.81 3.36
CA PRO A 179 26.01 13.42 3.77
C PRO A 179 24.68 12.81 4.17
N THR A 180 24.57 11.49 4.17
CA THR A 180 23.34 10.82 4.66
C THR A 180 23.45 10.86 6.18
N THR A 181 22.31 10.67 6.86
CA THR A 181 22.21 10.64 8.34
C THR A 181 22.70 9.24 8.78
N HIS A 182 23.82 9.17 9.50
CA HIS A 182 24.45 7.88 9.90
C HIS A 182 24.04 7.55 11.34
N THR A 183 23.21 8.41 11.94
CA THR A 183 22.55 8.19 13.26
C THR A 183 21.16 7.58 13.02
N GLU A 184 20.64 6.87 14.03
CA GLU A 184 19.27 6.26 14.05
C GLU A 184 18.25 7.27 14.58
N GLU A 185 17.24 7.58 13.76
CA GLU A 185 16.05 8.37 14.15
C GLU A 185 14.82 7.44 14.20
N TYR A 186 14.50 6.91 15.39
CA TYR A 186 13.40 5.94 15.57
C TYR A 186 12.15 6.45 14.83
N SER A 187 11.78 7.73 15.03
CA SER A 187 10.52 8.32 14.53
C SER A 187 10.64 8.75 13.06
N GLY A 188 11.77 9.36 12.66
CA GLY A 188 12.05 9.70 11.23
C GLY A 188 12.03 8.49 10.26
N GLU A 189 12.45 7.29 10.68
CA GLU A 189 12.49 6.06 9.82
C GLU A 189 11.06 5.53 9.61
N GLU A 190 10.07 6.12 10.28
CA GLU A 190 8.63 5.80 10.15
C GLU A 190 7.91 6.91 9.35
N LYS A 191 8.60 7.92 8.81
CA LYS A 191 7.91 9.09 8.19
C LYS A 191 6.88 8.64 7.12
N THR A 192 7.12 7.61 6.31
CA THR A 192 6.18 7.21 5.25
C THR A 192 4.86 6.65 5.83
N TRP A 193 4.87 6.10 7.04
CA TRP A 193 3.60 5.76 7.71
C TRP A 193 2.79 7.04 8.03
N MET A 194 3.43 8.11 8.51
N MET A 194 3.47 8.09 8.54
CA MET A 194 2.71 9.37 8.84
CA MET A 194 2.90 9.45 8.79
C MET A 194 2.21 10.01 7.52
C MET A 194 2.18 9.92 7.51
N TRP A 195 2.83 9.71 6.36
CA TRP A 195 2.40 10.31 5.07
C TRP A 195 0.99 9.80 4.79
N TRP A 196 0.86 8.48 4.93
CA TRP A 196 -0.34 7.66 4.75
C TRP A 196 -1.35 7.97 5.84
N HIS A 197 -0.93 8.04 7.10
CA HIS A 197 -1.82 8.36 8.25
C HIS A 197 -2.54 9.70 8.05
N ASN A 198 -1.79 10.71 7.64
CA ASN A 198 -2.33 12.07 7.44
C ASN A 198 -3.28 12.01 6.23
N PHE A 199 -2.84 11.42 5.14
CA PHE A 199 -3.69 11.28 3.94
C PHE A 199 -5.00 10.63 4.37
N ARG A 200 -4.95 9.43 4.96
CA ARG A 200 -6.21 8.68 5.21
C ARG A 200 -7.06 9.46 6.24
N THR A 201 -6.48 10.13 7.24
CA THR A 201 -7.23 10.93 8.27
C THR A 201 -8.00 12.08 7.63
N LEU A 202 -7.40 12.76 6.66
CA LEU A 202 -7.95 13.91 5.90
C LEU A 202 -9.11 13.43 5.01
N CYS A 203 -9.00 12.25 4.43
CA CYS A 203 -10.02 11.68 3.53
C CYS A 203 -11.08 10.96 4.38
N ASP A 204 -10.96 11.05 5.71
CA ASP A 204 -11.99 10.60 6.68
C ASP A 204 -12.09 9.09 6.66
N TYR A 205 -10.98 8.40 6.44
CA TYR A 205 -10.90 6.93 6.57
C TYR A 205 -11.81 6.26 5.53
N SER A 206 -12.07 6.88 4.39
CA SER A 206 -12.93 6.27 3.35
C SER A 206 -12.50 4.82 3.16
N LYS A 207 -13.43 3.84 3.14
CA LYS A 207 -13.16 2.36 2.91
C LYS A 207 -12.51 2.15 1.53
N ARG A 208 -12.50 3.15 0.66
CA ARG A 208 -12.13 3.04 -0.78
C ARG A 208 -10.66 3.45 -1.02
N ILE A 209 -9.98 3.91 0.03
CA ILE A 209 -8.55 4.33 -0.05
C ILE A 209 -7.71 3.27 0.66
N ALA A 210 -6.83 2.61 -0.07
CA ALA A 210 -6.01 1.49 0.45
C ALA A 210 -4.54 1.78 0.16
N VAL A 211 -3.67 0.89 0.64
CA VAL A 211 -2.20 1.05 0.51
C VAL A 211 -1.65 0.09 -0.56
N ALA A 212 -0.86 0.66 -1.47
CA ALA A 212 0.10 -0.08 -2.33
C ALA A 212 1.50 0.16 -1.76
N LEU A 213 2.04 -0.82 -1.04
CA LEU A 213 3.26 -0.63 -0.21
C LEU A 213 4.47 -1.01 -1.04
N GLU A 214 5.31 -0.01 -1.36
CA GLU A 214 6.55 -0.17 -2.15
C GLU A 214 7.68 -0.65 -1.24
N ILE A 215 8.14 -1.90 -1.47
CA ILE A 215 9.33 -2.56 -0.86
C ILE A 215 10.57 -2.12 -1.64
N GLY A 216 11.58 -1.62 -0.95
CA GLY A 216 12.88 -1.23 -1.53
C GLY A 216 13.99 -2.24 -1.27
N ALA A 217 15.17 -1.95 -1.84
CA ALA A 217 16.35 -2.85 -1.87
C ALA A 217 16.74 -3.16 -0.44
N ASP A 218 16.90 -2.15 0.42
CA ASP A 218 17.17 -2.43 1.86
C ASP A 218 15.86 -2.31 2.63
N LEU A 219 15.47 -3.32 3.41
CA LEU A 219 14.30 -3.19 4.32
C LEU A 219 14.70 -2.21 5.40
N PRO A 220 13.75 -1.66 6.17
CA PRO A 220 14.11 -0.93 7.39
C PRO A 220 14.04 -1.89 8.58
N SER A 221 14.23 -1.31 9.76
CA SER A 221 14.06 -1.97 11.07
C SER A 221 12.61 -2.50 11.21
N ASN A 222 12.40 -3.54 12.01
CA ASN A 222 11.07 -4.21 12.07
C ASN A 222 10.10 -3.18 12.57
N HIS A 223 10.59 -2.14 13.25
CA HIS A 223 9.66 -1.24 13.97
C HIS A 223 8.80 -0.55 12.90
N VAL A 224 9.48 -0.04 11.87
CA VAL A 224 8.96 0.59 10.62
C VAL A 224 7.99 -0.36 9.89
N ILE A 225 8.33 -1.64 9.68
CA ILE A 225 7.48 -2.63 8.95
C ILE A 225 6.23 -2.84 9.78
N ASP A 226 6.39 -2.78 11.09
CA ASP A 226 5.31 -3.11 12.06
C ASP A 226 4.28 -1.97 12.12
N ARG A 227 4.74 -0.75 11.93
CA ARG A 227 3.89 0.45 11.81
C ARG A 227 2.66 0.09 10.95
N TRP A 228 2.88 -0.69 9.86
CA TRP A 228 2.01 -0.99 8.67
C TRP A 228 1.09 -2.17 8.90
N LEU A 229 1.38 -3.01 9.88
CA LEU A 229 0.39 -4.08 10.10
C LEU A 229 -0.80 -3.39 10.80
N GLY A 230 -1.98 -3.95 10.58
CA GLY A 230 -3.24 -3.28 10.88
C GLY A 230 -3.61 -2.27 9.82
N GLU A 231 -2.77 -2.01 8.82
CA GLU A 231 -3.13 -0.99 7.79
C GLU A 231 -3.81 -1.68 6.60
N PRO A 232 -4.78 -1.01 5.92
CA PRO A 232 -5.48 -1.57 4.76
C PRO A 232 -4.62 -1.77 3.51
N ILE A 233 -3.74 -2.77 3.53
CA ILE A 233 -2.78 -3.06 2.42
C ILE A 233 -3.49 -3.93 1.38
N LYS A 234 -3.71 -3.40 0.20
CA LYS A 234 -4.33 -4.20 -0.90
C LYS A 234 -3.24 -4.70 -1.87
N ALA A 235 -2.10 -3.99 -1.97
CA ALA A 235 -1.03 -4.34 -2.94
C ALA A 235 0.32 -4.12 -2.27
N ALA A 236 1.29 -4.96 -2.61
CA ALA A 236 2.73 -4.74 -2.38
C ALA A 236 3.45 -4.67 -3.73
N ILE A 237 4.30 -3.65 -3.86
CA ILE A 237 5.06 -3.33 -5.10
C ILE A 237 6.50 -3.83 -4.87
N LEU A 238 6.93 -4.78 -5.69
CA LEU A 238 8.32 -5.31 -5.75
C LEU A 238 9.01 -4.80 -7.00
N PRO A 239 9.95 -3.83 -6.90
CA PRO A 239 10.78 -3.50 -8.06
C PRO A 239 11.72 -4.69 -8.34
N THR A 240 12.00 -4.91 -9.61
CA THR A 240 12.96 -5.93 -10.10
C THR A 240 14.33 -5.73 -9.40
N SER A 241 14.66 -4.48 -9.10
CA SER A 241 16.00 -4.07 -8.60
C SER A 241 16.27 -4.53 -7.15
N ILE A 242 15.36 -5.24 -6.49
CA ILE A 242 15.56 -5.70 -5.07
C ILE A 242 15.90 -7.20 -5.05
N PHE A 243 15.71 -7.87 -6.19
CA PHE A 243 15.95 -9.32 -6.34
C PHE A 243 17.45 -9.53 -6.53
N LEU A 244 18.05 -10.31 -5.65
CA LEU A 244 19.39 -10.96 -5.80
C LEU A 244 19.28 -12.08 -6.85
N THR A 245 20.42 -12.49 -7.42
CA THR A 245 20.59 -13.58 -8.45
C THR A 245 21.19 -14.85 -7.83
N ASN A 246 20.69 -16.05 -8.16
CA ASN A 246 21.19 -17.37 -7.65
C ASN A 246 22.17 -17.96 -8.68
N LYS A 247 22.84 -19.09 -8.37
CA LYS A 247 23.94 -19.65 -9.22
C LYS A 247 23.37 -19.95 -10.63
N LYS A 248 22.21 -20.62 -10.75
CA LYS A 248 21.59 -20.92 -12.08
C LYS A 248 21.39 -19.61 -12.87
N GLY A 249 21.35 -18.43 -12.20
CA GLY A 249 21.29 -17.08 -12.81
C GLY A 249 19.94 -16.37 -12.62
N PHE A 250 19.09 -16.89 -11.72
CA PHE A 250 17.62 -16.67 -11.69
C PHE A 250 17.26 -15.81 -10.48
N PRO A 251 16.33 -14.84 -10.63
CA PRO A 251 16.03 -13.88 -9.57
C PRO A 251 15.39 -14.48 -8.33
N VAL A 252 15.77 -13.99 -7.15
CA VAL A 252 15.34 -14.49 -5.80
C VAL A 252 15.35 -13.32 -4.84
N LEU A 253 14.98 -13.56 -3.58
CA LEU A 253 14.96 -12.50 -2.56
C LEU A 253 15.77 -12.92 -1.32
N SER A 254 16.41 -11.94 -0.67
CA SER A 254 17.01 -12.07 0.68
C SER A 254 16.12 -12.96 1.56
N LYS A 255 16.65 -13.52 2.64
CA LYS A 255 15.86 -14.24 3.68
C LYS A 255 14.94 -13.24 4.40
N MET A 256 15.38 -12.02 4.63
CA MET A 256 14.55 -11.02 5.34
C MET A 256 13.40 -10.50 4.44
N HIS A 257 13.60 -10.40 3.12
CA HIS A 257 12.49 -10.05 2.17
C HIS A 257 11.50 -11.21 2.16
N GLN A 258 11.94 -12.44 2.37
CA GLN A 258 11.04 -13.61 2.30
C GLN A 258 10.07 -13.50 3.49
N ARG A 259 10.59 -13.35 4.71
CA ARG A 259 9.80 -13.16 5.95
C ARG A 259 8.62 -12.19 5.64
N LEU A 260 8.87 -11.09 4.93
CA LEU A 260 7.87 -10.03 4.65
C LEU A 260 6.84 -10.57 3.66
N ILE A 261 7.29 -11.21 2.56
CA ILE A 261 6.37 -11.75 1.51
C ILE A 261 5.41 -12.76 2.17
N PHE A 262 5.88 -13.50 3.17
CA PHE A 262 5.13 -14.61 3.80
C PHE A 262 4.01 -13.99 4.62
N ARG A 263 4.29 -12.83 5.22
CA ARG A 263 3.34 -12.01 6.03
C ARG A 263 2.26 -11.41 5.10
N LEU A 264 2.65 -10.89 3.94
CA LEU A 264 1.70 -10.23 3.01
C LEU A 264 0.78 -11.28 2.37
N LEU A 265 1.25 -12.51 2.15
CA LEU A 265 0.43 -13.59 1.55
C LEU A 265 -0.67 -13.97 2.55
N LYS A 266 -0.37 -13.82 3.84
CA LYS A 266 -1.40 -13.88 4.91
C LYS A 266 -2.42 -12.75 4.73
N LEU A 267 -2.01 -11.55 4.32
CA LEU A 267 -2.99 -10.46 4.07
C LEU A 267 -3.63 -10.61 2.69
N GLU A 268 -3.49 -11.77 2.06
CA GLU A 268 -3.93 -12.03 0.67
C GLU A 268 -3.89 -10.73 -0.15
N VAL A 269 -2.79 -9.96 -0.07
CA VAL A 269 -2.60 -8.78 -0.96
C VAL A 269 -2.28 -9.26 -2.37
N GLN A 270 -2.33 -8.31 -3.29
CA GLN A 270 -1.95 -8.46 -4.72
C GLN A 270 -0.49 -7.95 -4.90
N PHE A 271 0.35 -8.70 -5.64
CA PHE A 271 1.76 -8.37 -5.86
C PHE A 271 1.90 -7.73 -7.22
N ILE A 272 2.47 -6.53 -7.22
CA ILE A 272 2.75 -5.78 -8.46
C ILE A 272 4.25 -5.81 -8.71
N ILE A 273 4.70 -6.17 -9.92
CA ILE A 273 6.14 -6.21 -10.32
C ILE A 273 6.38 -4.99 -11.19
N THR A 274 7.12 -4.00 -10.68
CA THR A 274 7.48 -2.74 -11.41
C THR A 274 8.94 -2.80 -11.88
N GLY A 275 9.29 -1.92 -12.83
CA GLY A 275 10.66 -1.74 -13.38
C GLY A 275 11.03 -2.78 -14.43
N THR A 276 12.22 -2.62 -15.03
CA THR A 276 12.72 -3.37 -16.22
C THR A 276 13.30 -4.74 -15.81
N ASN A 277 13.49 -5.62 -16.79
CA ASN A 277 14.21 -6.91 -16.58
C ASN A 277 15.70 -6.65 -16.27
N HIS A 278 16.18 -6.95 -15.06
CA HIS A 278 17.62 -6.84 -14.67
C HIS A 278 18.25 -8.25 -14.63
N HIS A 279 17.45 -9.28 -14.93
CA HIS A 279 17.90 -10.69 -15.13
C HIS A 279 17.74 -10.98 -16.63
N SER A 280 18.58 -10.27 -17.39
CA SER A 280 18.56 -10.07 -18.87
C SER A 280 19.17 -11.28 -19.61
N GLU A 281 19.48 -12.39 -18.89
CA GLU A 281 19.76 -13.75 -19.44
C GLU A 281 18.50 -14.64 -19.29
N LYS A 282 17.79 -14.51 -18.15
CA LYS A 282 16.89 -15.57 -17.61
C LYS A 282 15.41 -15.33 -17.95
N GLU A 283 15.02 -14.34 -18.77
CA GLU A 283 13.59 -14.10 -19.16
C GLU A 283 12.92 -13.26 -18.04
N PHE A 284 11.58 -13.14 -17.99
CA PHE A 284 10.85 -12.24 -17.05
C PHE A 284 9.78 -12.95 -16.19
N CYS A 285 9.01 -13.90 -16.72
CA CYS A 285 8.05 -14.70 -15.91
C CYS A 285 8.83 -15.31 -14.72
N SER A 286 10.16 -15.29 -14.79
CA SER A 286 11.08 -15.77 -13.72
C SER A 286 10.75 -15.07 -12.41
N TYR A 287 10.58 -13.73 -12.40
CA TYR A 287 10.21 -12.90 -11.22
C TYR A 287 8.92 -13.39 -10.58
N LEU A 288 7.93 -13.64 -11.43
CA LEU A 288 6.59 -14.09 -11.00
C LEU A 288 6.69 -15.51 -10.46
N GLN A 289 7.30 -16.41 -11.24
CA GLN A 289 7.56 -17.82 -10.87
C GLN A 289 8.15 -17.87 -9.46
N TYR A 290 9.05 -16.97 -9.09
CA TYR A 290 9.67 -17.00 -7.74
C TYR A 290 8.58 -16.70 -6.71
N LEU A 291 7.68 -15.76 -7.01
CA LEU A 291 6.56 -15.51 -6.08
C LEU A 291 5.74 -16.79 -5.94
N GLU A 292 5.42 -17.44 -7.07
CA GLU A 292 4.72 -18.77 -7.09
C GLU A 292 5.47 -19.74 -6.17
N TYR A 293 6.82 -19.78 -6.25
CA TYR A 293 7.66 -20.74 -5.49
C TYR A 293 7.48 -20.47 -3.98
N LEU A 294 7.50 -19.21 -3.56
CA LEU A 294 7.26 -18.82 -2.15
C LEU A 294 5.80 -19.16 -1.73
N SER A 295 4.78 -18.88 -2.57
CA SER A 295 3.36 -19.14 -2.23
C SER A 295 3.21 -20.56 -1.70
N GLN A 296 3.57 -21.52 -2.54
CA GLN A 296 3.36 -22.95 -2.23
C GLN A 296 4.51 -23.47 -1.37
N ASN A 297 5.59 -22.73 -1.18
CA ASN A 297 6.60 -23.11 -0.16
C ASN A 297 6.37 -22.26 1.10
N ARG A 298 5.22 -22.47 1.75
CA ARG A 298 4.84 -21.91 3.08
C ARG A 298 4.09 -23.00 3.84
N PRO A 299 3.95 -22.93 5.19
CA PRO A 299 3.24 -23.98 5.94
C PRO A 299 1.73 -24.09 5.66
N PRO A 300 1.16 -25.27 5.28
CA PRO A 300 -0.30 -25.40 5.10
C PRO A 300 -1.13 -24.88 6.28
N PRO A 301 -2.45 -24.63 6.11
CA PRO A 301 -3.31 -24.20 7.22
C PRO A 301 -3.43 -25.28 8.32
N ASN A 302 -3.36 -24.91 9.60
CA ASN A 302 -3.69 -25.84 10.70
C ASN A 302 -5.22 -25.90 10.82
N ALA A 303 -5.76 -26.71 11.73
CA ALA A 303 -7.22 -26.97 11.81
C ALA A 303 -7.96 -25.64 12.12
N TYR A 304 -7.49 -24.84 13.12
CA TYR A 304 -7.97 -23.46 13.45
C TYR A 304 -8.09 -22.64 12.16
N GLU A 305 -6.98 -22.50 11.43
CA GLU A 305 -6.85 -21.72 10.16
C GLU A 305 -7.80 -22.28 9.07
N LEU A 306 -7.97 -23.61 8.89
CA LEU A 306 -8.93 -24.16 7.88
C LEU A 306 -10.37 -23.87 8.36
N PHE A 307 -10.64 -23.88 9.66
CA PHE A 307 -11.99 -23.57 10.23
C PHE A 307 -12.32 -22.08 10.02
N ALA A 308 -11.29 -21.22 9.99
CA ALA A 308 -11.38 -19.74 10.10
C ALA A 308 -11.28 -19.06 8.73
N LYS A 309 -10.53 -19.62 7.76
CA LYS A 309 -10.52 -19.07 6.37
C LYS A 309 -12.00 -18.76 6.06
N GLY A 310 -12.32 -17.48 5.80
CA GLY A 310 -13.68 -16.92 5.60
C GLY A 310 -13.95 -15.78 6.57
N TYR A 311 -13.40 -15.87 7.77
CA TYR A 311 -13.87 -15.15 8.98
C TYR A 311 -12.93 -13.99 9.33
N GLU A 312 -11.82 -13.85 8.58
CA GLU A 312 -10.71 -12.93 8.95
C GLU A 312 -11.32 -11.55 9.07
N ASP A 313 -11.36 -10.95 10.26
CA ASP A 313 -11.80 -9.53 10.46
C ASP A 313 -13.28 -9.35 10.09
N TYR A 314 -14.05 -10.43 10.16
CA TYR A 314 -15.52 -10.44 10.05
C TYR A 314 -16.09 -10.22 11.44
N LEU A 315 -16.80 -9.13 11.63
CA LEU A 315 -17.48 -8.82 12.91
C LEU A 315 -18.79 -9.58 13.06
N GLN A 316 -18.99 -10.36 14.12
CA GLN A 316 -20.31 -10.99 14.45
C GLN A 316 -20.84 -10.49 15.81
N SER A 317 -22.12 -10.57 16.08
CA SER A 317 -22.62 -10.31 17.46
C SER A 317 -22.23 -11.46 18.38
N PRO A 318 -21.80 -11.13 19.61
CA PRO A 318 -21.63 -12.15 20.63
C PRO A 318 -22.97 -12.89 20.79
N LEU A 319 -22.96 -14.21 20.62
CA LEU A 319 -24.05 -15.15 20.98
C LEU A 319 -24.54 -14.80 22.37
N GLN A 320 -25.83 -14.97 22.63
CA GLN A 320 -26.44 -14.73 23.96
C GLN A 320 -27.45 -15.85 24.21
N PRO A 321 -26.95 -17.06 24.54
CA PRO A 321 -27.78 -18.25 24.72
C PRO A 321 -28.72 -18.26 25.92
N LEU A 322 -28.62 -17.29 26.83
CA LEU A 322 -29.64 -17.13 27.87
C LEU A 322 -30.88 -16.48 27.20
N MET A 323 -30.74 -15.24 26.73
CA MET A 323 -31.81 -14.36 26.21
C MET A 323 -32.37 -14.95 24.91
N ASP A 324 -31.56 -15.69 24.14
CA ASP A 324 -31.95 -16.27 22.82
C ASP A 324 -31.97 -17.79 22.88
N ASN A 325 -32.92 -18.47 22.20
CA ASN A 325 -32.84 -19.95 21.96
C ASN A 325 -32.02 -20.15 20.69
N LEU A 326 -30.98 -21.00 20.75
CA LEU A 326 -29.96 -21.12 19.68
C LEU A 326 -30.52 -22.05 18.59
N GLU A 327 -30.12 -21.83 17.35
CA GLU A 327 -30.53 -22.63 16.17
C GLU A 327 -29.84 -24.01 16.21
N SER A 328 -30.50 -25.07 15.72
CA SER A 328 -29.96 -26.44 15.62
C SER A 328 -28.53 -26.33 15.09
N GLN A 329 -28.35 -25.61 13.95
CA GLN A 329 -27.05 -25.55 13.22
C GLN A 329 -25.93 -24.86 14.04
N THR A 330 -26.26 -23.99 14.99
CA THR A 330 -25.28 -23.39 15.93
C THR A 330 -24.70 -24.47 16.85
N TYR A 331 -25.57 -25.14 17.61
CA TYR A 331 -25.25 -26.34 18.42
C TYR A 331 -24.38 -27.26 17.56
N GLU A 332 -24.72 -27.49 16.28
CA GLU A 332 -23.88 -28.42 15.46
C GLU A 332 -22.42 -27.93 15.36
N VAL A 333 -22.22 -26.65 14.98
CA VAL A 333 -20.84 -26.08 15.01
C VAL A 333 -20.29 -26.18 16.44
N PHE A 334 -21.01 -25.82 17.51
CA PHE A 334 -20.54 -26.03 18.89
C PHE A 334 -19.90 -27.40 19.05
N GLU A 335 -20.58 -28.45 18.59
CA GLU A 335 -20.19 -29.85 18.96
C GLU A 335 -19.13 -30.38 17.96
N LYS A 336 -18.64 -29.54 17.03
CA LYS A 336 -17.56 -29.89 16.05
C LYS A 336 -16.24 -29.43 16.68
N ASP A 337 -16.11 -29.49 17.99
CA ASP A 337 -14.83 -29.19 18.66
C ASP A 337 -14.38 -30.42 19.43
N PRO A 338 -13.46 -31.24 18.89
CA PRO A 338 -13.05 -32.46 19.59
C PRO A 338 -12.23 -32.13 20.86
N ILE A 339 -11.47 -31.03 20.84
CA ILE A 339 -10.57 -30.60 21.96
C ILE A 339 -11.42 -30.14 23.15
N LYS A 340 -12.33 -29.19 22.96
CA LYS A 340 -13.20 -28.72 24.08
C LYS A 340 -13.73 -29.94 24.86
N TYR A 341 -14.30 -30.91 24.15
CA TYR A 341 -15.07 -32.01 24.76
C TYR A 341 -14.08 -33.03 25.29
N SER A 342 -12.96 -33.31 24.61
CA SER A 342 -12.01 -34.31 25.18
C SER A 342 -11.39 -33.73 26.46
N GLN A 343 -11.08 -32.45 26.46
CA GLN A 343 -10.67 -31.72 27.67
C GLN A 343 -11.76 -31.81 28.75
N TYR A 344 -13.03 -31.75 28.41
CA TYR A 344 -14.09 -31.83 29.46
C TYR A 344 -14.18 -33.26 30.03
N GLN A 345 -14.06 -34.26 29.17
CA GLN A 345 -14.18 -35.71 29.51
C GLN A 345 -13.09 -35.99 30.53
N GLN A 346 -11.87 -35.63 30.16
CA GLN A 346 -10.66 -35.85 30.97
C GLN A 346 -10.85 -35.20 32.34
N ALA A 347 -11.57 -34.09 32.47
CA ALA A 347 -11.74 -33.36 33.75
C ALA A 347 -12.78 -34.06 34.63
N ILE A 348 -13.78 -34.71 34.04
CA ILE A 348 -14.80 -35.40 34.89
C ILE A 348 -14.18 -36.73 35.37
N TYR A 349 -13.40 -37.38 34.48
CA TYR A 349 -12.54 -38.58 34.74
C TYR A 349 -11.77 -38.35 36.03
N LYS A 350 -10.92 -37.32 36.02
CA LYS A 350 -9.99 -36.98 37.14
C LYS A 350 -10.78 -36.63 38.40
N CYS A 351 -11.94 -35.97 38.26
CA CYS A 351 -12.81 -35.59 39.40
C CYS A 351 -13.50 -36.83 39.98
N LEU A 352 -13.92 -37.77 39.16
CA LEU A 352 -14.60 -38.98 39.68
C LEU A 352 -13.60 -39.81 40.49
N LEU A 353 -12.37 -39.98 40.00
CA LEU A 353 -11.33 -40.75 40.72
C LEU A 353 -11.04 -40.07 42.07
N ASP A 354 -10.94 -38.75 42.14
CA ASP A 354 -10.61 -38.00 43.38
C ASP A 354 -11.82 -37.96 44.34
N ARG A 355 -12.97 -38.57 44.00
CA ARG A 355 -14.22 -38.33 44.77
C ARG A 355 -14.79 -39.65 45.32
N VAL A 356 -14.35 -40.76 44.70
CA VAL A 356 -14.87 -42.15 44.79
C VAL A 356 -13.66 -43.06 44.86
N PRO A 357 -13.13 -43.32 46.07
CA PRO A 357 -12.02 -44.27 46.19
C PRO A 357 -12.49 -45.63 45.65
N GLU A 358 -11.58 -46.30 44.93
CA GLU A 358 -11.60 -47.71 44.46
C GLU A 358 -12.55 -48.63 45.26
N GLU A 359 -12.24 -48.95 46.53
CA GLU A 359 -13.02 -49.87 47.41
C GLU A 359 -14.47 -49.39 47.59
N GLU A 360 -14.81 -48.13 47.22
CA GLU A 360 -16.20 -47.54 47.26
C GLU A 360 -16.91 -47.63 45.88
N LYS A 361 -16.27 -48.27 44.89
CA LYS A 361 -16.54 -48.17 43.43
C LYS A 361 -17.99 -48.51 43.05
N ASP A 362 -18.73 -49.31 43.83
CA ASP A 362 -20.10 -49.79 43.49
C ASP A 362 -21.14 -49.37 44.54
N THR A 363 -20.70 -49.22 45.80
CA THR A 363 -21.42 -48.53 46.93
C THR A 363 -21.79 -47.07 46.55
N ASN A 364 -20.94 -46.37 45.76
CA ASN A 364 -21.04 -44.90 45.49
C ASN A 364 -21.22 -44.58 44.00
N VAL A 365 -22.45 -44.18 43.72
CA VAL A 365 -23.03 -43.58 42.48
C VAL A 365 -23.08 -42.05 42.68
N GLN A 366 -22.31 -41.29 41.90
CA GLN A 366 -22.16 -39.80 42.02
C GLN A 366 -23.25 -39.09 41.22
N VAL A 367 -23.72 -37.94 41.69
CA VAL A 367 -24.81 -37.18 40.99
C VAL A 367 -24.17 -36.06 40.17
N LEU A 368 -24.15 -36.22 38.83
CA LEU A 368 -23.70 -35.24 37.80
C LEU A 368 -24.89 -34.47 37.18
N MET A 369 -24.86 -33.15 37.23
CA MET A 369 -25.88 -32.26 36.65
C MET A 369 -25.24 -31.36 35.58
N VAL A 370 -25.41 -31.72 34.30
CA VAL A 370 -25.04 -30.84 33.16
C VAL A 370 -26.03 -29.65 33.17
N LEU A 371 -25.54 -28.44 33.44
CA LEU A 371 -26.34 -27.19 33.39
C LEU A 371 -26.11 -26.44 32.06
N GLY A 372 -27.15 -26.44 31.23
CA GLY A 372 -27.06 -25.99 29.84
C GLY A 372 -26.66 -27.12 28.92
N ALA A 373 -27.44 -28.18 28.86
CA ALA A 373 -26.97 -29.39 28.14
C ALA A 373 -27.00 -29.20 26.61
N GLY A 374 -27.60 -28.11 26.08
CA GLY A 374 -27.78 -28.01 24.62
C GLY A 374 -28.34 -29.32 24.03
N ARG A 375 -27.64 -29.89 23.03
CA ARG A 375 -28.00 -31.15 22.35
C ARG A 375 -27.19 -32.36 22.88
N GLY A 376 -26.57 -32.29 24.05
CA GLY A 376 -26.08 -33.48 24.76
C GLY A 376 -24.55 -33.67 24.83
N PRO A 377 -23.68 -32.85 24.22
CA PRO A 377 -22.28 -33.27 24.10
C PRO A 377 -21.63 -33.44 25.47
N LEU A 378 -21.97 -32.58 26.46
CA LEU A 378 -21.43 -32.74 27.83
C LEU A 378 -22.05 -33.97 28.52
N VAL A 379 -23.25 -34.42 28.14
CA VAL A 379 -23.84 -35.69 28.67
C VAL A 379 -22.95 -36.84 28.20
N ASN A 380 -22.73 -36.95 26.89
CA ASN A 380 -21.89 -38.01 26.28
C ASN A 380 -20.44 -37.89 26.80
N ALA A 381 -19.96 -36.68 27.11
CA ALA A 381 -18.60 -36.54 27.68
C ALA A 381 -18.62 -37.02 29.12
N SER A 382 -19.75 -36.88 29.82
CA SER A 382 -19.94 -37.38 31.21
C SER A 382 -20.15 -38.90 31.21
N LEU A 383 -20.76 -39.45 30.17
CA LEU A 383 -21.04 -40.91 30.11
C LEU A 383 -19.76 -41.68 29.75
N ARG A 384 -18.81 -41.05 29.05
CA ARG A 384 -17.55 -41.66 28.57
C ARG A 384 -16.52 -41.68 29.72
N ALA A 385 -16.43 -40.57 30.44
CA ALA A 385 -15.54 -40.35 31.60
C ALA A 385 -15.85 -41.42 32.66
N ALA A 386 -17.10 -41.52 33.07
CA ALA A 386 -17.57 -42.46 34.11
C ALA A 386 -17.22 -43.92 33.70
N LYS A 387 -17.36 -44.30 32.43
CA LYS A 387 -16.80 -45.57 31.88
C LYS A 387 -15.30 -45.61 32.15
N GLN A 388 -14.49 -44.72 31.55
CA GLN A 388 -13.00 -44.85 31.52
C GLN A 388 -12.37 -44.67 32.93
N ALA A 389 -13.14 -44.26 33.93
CA ALA A 389 -12.71 -44.28 35.35
C ALA A 389 -13.30 -45.50 36.08
N ASP A 390 -14.21 -46.23 35.44
CA ASP A 390 -15.09 -47.24 36.09
C ASP A 390 -15.60 -46.65 37.41
N ARG A 391 -16.46 -45.63 37.34
CA ARG A 391 -17.41 -45.27 38.43
C ARG A 391 -18.83 -45.10 37.86
N ARG A 392 -19.80 -44.93 38.76
CA ARG A 392 -21.25 -44.95 38.49
C ARG A 392 -21.82 -43.54 38.76
N ILE A 393 -22.71 -43.06 37.89
CA ILE A 393 -23.24 -41.66 37.97
C ILE A 393 -24.74 -41.59 37.65
N LYS A 394 -25.44 -40.73 38.37
CA LYS A 394 -26.82 -40.29 38.07
C LYS A 394 -26.63 -38.99 37.29
N LEU A 395 -27.04 -38.92 36.02
CA LEU A 395 -27.02 -37.72 35.13
C LEU A 395 -28.36 -36.98 35.13
N TYR A 396 -28.34 -35.67 35.34
CA TYR A 396 -29.45 -34.76 34.97
C TYR A 396 -28.97 -33.89 33.82
N ALA A 397 -29.85 -33.55 32.87
CA ALA A 397 -29.50 -32.77 31.69
C ALA A 397 -30.44 -31.59 31.67
N VAL A 398 -30.06 -30.50 32.30
CA VAL A 398 -30.94 -29.34 32.52
C VAL A 398 -30.78 -28.38 31.34
N GLU A 399 -31.84 -28.07 30.58
CA GLU A 399 -31.78 -27.17 29.40
C GLU A 399 -33.09 -26.37 29.28
N LYS A 400 -32.99 -25.09 28.93
CA LYS A 400 -34.15 -24.17 28.91
C LYS A 400 -34.66 -23.97 27.47
N ASN A 401 -33.81 -24.22 26.48
CA ASN A 401 -34.17 -24.07 25.06
C ASN A 401 -34.98 -25.31 24.70
N PRO A 402 -36.35 -25.24 24.68
CA PRO A 402 -37.16 -26.43 24.43
C PRO A 402 -36.86 -27.07 23.07
N ASN A 403 -36.27 -26.35 22.12
CA ASN A 403 -35.96 -26.96 20.80
C ASN A 403 -34.80 -27.94 20.98
N ALA A 404 -33.86 -27.62 21.88
CA ALA A 404 -32.73 -28.52 22.21
C ALA A 404 -33.27 -29.71 23.02
N VAL A 405 -34.22 -29.47 23.91
CA VAL A 405 -34.84 -30.54 24.75
C VAL A 405 -35.51 -31.60 23.87
N VAL A 406 -35.99 -31.22 22.70
CA VAL A 406 -36.53 -32.20 21.73
C VAL A 406 -35.38 -33.10 21.27
N THR A 407 -34.19 -32.55 21.06
CA THR A 407 -32.99 -33.32 20.65
C THR A 407 -32.62 -34.27 21.79
N LEU A 408 -32.63 -33.81 23.04
CA LEU A 408 -32.21 -34.59 24.24
C LEU A 408 -33.19 -35.74 24.52
N GLU A 409 -34.47 -35.39 24.66
CA GLU A 409 -35.55 -36.34 25.02
C GLU A 409 -35.61 -37.46 23.98
N ASN A 410 -35.27 -37.23 22.71
CA ASN A 410 -35.20 -38.28 21.63
C ASN A 410 -33.91 -39.10 21.80
N TRP A 411 -32.75 -38.46 22.04
CA TRP A 411 -31.40 -39.06 22.21
C TRP A 411 -31.29 -39.59 23.63
N GLN A 412 -32.32 -40.24 24.16
CA GLN A 412 -32.47 -40.48 25.61
C GLN A 412 -33.44 -41.61 25.77
N PHE A 413 -34.55 -41.49 25.07
CA PHE A 413 -35.44 -42.63 24.76
C PHE A 413 -34.65 -43.63 23.91
N GLU A 414 -34.05 -43.19 22.80
CA GLU A 414 -33.38 -44.09 21.83
C GLU A 414 -32.04 -44.63 22.37
N GLU A 415 -31.37 -43.99 23.33
CA GLU A 415 -29.91 -44.25 23.51
C GLU A 415 -29.51 -44.27 24.99
N TRP A 416 -29.38 -43.12 25.65
CA TRP A 416 -28.99 -43.10 27.09
C TRP A 416 -30.11 -43.86 27.80
N GLY A 417 -30.13 -43.99 29.12
CA GLY A 417 -31.33 -44.58 29.72
C GLY A 417 -32.16 -43.64 30.57
N SER A 418 -32.96 -44.26 31.42
CA SER A 418 -32.98 -44.10 32.89
C SER A 418 -31.80 -43.27 33.42
N GLN A 419 -30.55 -43.67 33.09
CA GLN A 419 -29.26 -43.01 33.54
C GLN A 419 -29.41 -41.49 33.56
N VAL A 420 -29.90 -40.93 32.44
CA VAL A 420 -30.04 -39.47 32.19
C VAL A 420 -31.51 -39.11 32.33
N THR A 421 -31.83 -38.20 33.24
CA THR A 421 -33.16 -37.56 33.28
C THR A 421 -32.96 -36.15 32.68
N VAL A 422 -33.61 -35.88 31.55
CA VAL A 422 -33.71 -34.53 30.90
C VAL A 422 -34.66 -33.67 31.75
N VAL A 423 -34.22 -32.50 32.16
CA VAL A 423 -35.04 -31.45 32.81
C VAL A 423 -35.16 -30.30 31.83
N SER A 424 -36.38 -29.88 31.56
CA SER A 424 -36.70 -28.75 30.67
C SER A 424 -36.94 -27.53 31.56
N SER A 425 -35.85 -26.88 31.98
CA SER A 425 -35.91 -25.74 32.93
C SER A 425 -34.67 -24.84 32.79
N ASP A 426 -34.84 -23.56 33.14
CA ASP A 426 -33.75 -22.63 33.50
C ASP A 426 -33.11 -23.18 34.78
N MET A 427 -31.78 -23.36 34.81
CA MET A 427 -31.11 -23.90 36.03
C MET A 427 -31.42 -23.05 37.29
N ARG A 428 -31.67 -21.74 37.16
CA ARG A 428 -31.94 -20.85 38.31
C ARG A 428 -33.34 -21.06 38.86
N GLU A 429 -34.22 -21.77 38.15
CA GLU A 429 -35.67 -21.93 38.50
C GLU A 429 -35.91 -23.33 39.08
N TRP A 430 -35.32 -24.34 38.47
CA TRP A 430 -35.34 -25.75 38.90
C TRP A 430 -35.24 -25.93 40.42
N VAL A 431 -36.30 -26.48 41.06
CA VAL A 431 -36.30 -27.28 42.32
C VAL A 431 -35.73 -28.65 41.95
N ALA A 432 -34.72 -29.15 42.67
CA ALA A 432 -33.95 -30.35 42.30
C ALA A 432 -34.39 -31.51 43.18
N PRO A 433 -34.59 -32.72 42.63
CA PRO A 433 -35.00 -33.86 43.44
C PRO A 433 -33.95 -34.16 44.53
N GLU A 434 -32.66 -34.11 44.14
CA GLU A 434 -31.44 -34.41 44.93
C GLU A 434 -30.51 -33.20 44.89
N LYS A 435 -29.47 -33.16 45.73
CA LYS A 435 -28.27 -32.31 45.53
C LYS A 435 -27.23 -33.07 44.68
N ALA A 436 -26.29 -32.33 44.08
CA ALA A 436 -25.40 -32.87 43.02
C ALA A 436 -24.00 -32.99 43.57
N ASP A 437 -23.29 -34.06 43.20
CA ASP A 437 -21.86 -34.26 43.57
C ASP A 437 -20.99 -33.41 42.64
N ILE A 438 -21.38 -33.26 41.37
CA ILE A 438 -20.68 -32.41 40.37
C ILE A 438 -21.71 -31.65 39.54
N ILE A 439 -21.43 -30.38 39.21
CA ILE A 439 -22.14 -29.60 38.16
C ILE A 439 -21.12 -29.26 37.08
N VAL A 440 -21.39 -29.72 35.87
CA VAL A 440 -20.63 -29.44 34.63
C VAL A 440 -21.42 -28.43 33.78
N SER A 441 -20.80 -27.32 33.35
CA SER A 441 -21.43 -26.28 32.51
C SER A 441 -20.48 -25.93 31.37
N GLU A 442 -20.98 -25.23 30.36
CA GLU A 442 -20.28 -24.88 29.09
C GLU A 442 -20.84 -23.50 28.65
N LEU A 443 -21.21 -22.68 29.63
CA LEU A 443 -21.79 -21.33 29.49
C LEU A 443 -20.73 -20.26 29.16
N LEU A 444 -19.55 -20.63 28.67
CA LEU A 444 -18.37 -19.69 28.59
C LEU A 444 -18.42 -19.01 27.23
N GLY A 445 -18.35 -17.69 27.23
CA GLY A 445 -18.18 -16.90 25.99
C GLY A 445 -16.72 -16.63 25.62
N SER A 446 -16.49 -15.98 24.49
CA SER A 446 -15.19 -15.42 24.08
C SER A 446 -14.60 -14.57 25.19
N PHE A 447 -15.39 -13.91 26.02
CA PHE A 447 -14.81 -13.09 27.12
C PHE A 447 -15.10 -13.74 28.48
N ALA A 448 -15.10 -15.07 28.45
CA ALA A 448 -15.51 -15.99 29.55
C ALA A 448 -16.92 -15.68 30.06
N ASP A 449 -17.05 -14.61 30.86
CA ASP A 449 -18.28 -14.30 31.60
C ASP A 449 -19.32 -13.57 30.72
N ASN A 450 -19.09 -13.29 29.43
CA ASN A 450 -20.03 -12.46 28.64
C ASN A 450 -21.35 -13.18 28.33
N GLU A 451 -21.47 -14.50 28.48
CA GLU A 451 -22.77 -15.18 28.30
C GLU A 451 -23.42 -15.39 29.66
N LEU A 452 -22.83 -14.95 30.78
CA LEU A 452 -23.46 -14.93 32.14
C LEU A 452 -23.43 -16.32 32.80
N SER A 453 -22.39 -17.12 32.54
CA SER A 453 -21.94 -18.21 33.46
C SER A 453 -22.10 -17.77 34.90
N PRO A 454 -21.48 -16.65 35.36
CA PRO A 454 -21.54 -16.27 36.76
C PRO A 454 -22.97 -16.23 37.32
N GLU A 455 -23.87 -15.46 36.67
CA GLU A 455 -25.25 -15.30 37.20
C GLU A 455 -25.97 -16.64 37.14
N CYS A 456 -25.79 -17.43 36.09
CA CYS A 456 -26.49 -18.74 35.92
C CYS A 456 -25.99 -19.70 36.98
N LEU A 457 -24.69 -19.96 37.10
CA LEU A 457 -24.18 -20.95 38.07
C LEU A 457 -24.44 -20.47 39.50
N ASP A 458 -24.50 -19.16 39.76
CA ASP A 458 -24.82 -18.62 41.11
C ASP A 458 -26.23 -19.11 41.47
N GLY A 459 -27.10 -19.17 40.49
CA GLY A 459 -28.52 -19.48 40.73
C GLY A 459 -28.73 -20.97 40.91
N ALA A 460 -27.76 -21.77 40.54
CA ALA A 460 -27.87 -23.24 40.58
C ALA A 460 -26.96 -23.77 41.68
N GLN A 461 -26.32 -22.87 42.39
CA GLN A 461 -25.26 -23.27 43.35
C GLN A 461 -25.93 -24.02 44.52
N HIS A 462 -27.15 -23.62 44.89
CA HIS A 462 -27.94 -24.18 46.02
C HIS A 462 -28.14 -25.71 45.87
N PHE A 463 -28.15 -26.30 44.67
CA PHE A 463 -28.27 -27.78 44.53
C PHE A 463 -26.92 -28.47 44.36
N LEU A 464 -25.80 -27.78 44.60
CA LEU A 464 -24.49 -28.46 44.82
C LEU A 464 -24.42 -28.90 46.28
N LYS A 465 -24.02 -30.15 46.50
CA LYS A 465 -23.62 -30.65 47.84
C LYS A 465 -22.60 -29.66 48.44
N ASP A 466 -22.70 -29.38 49.74
CA ASP A 466 -21.78 -28.54 50.56
C ASP A 466 -20.30 -28.84 50.22
N ASP A 467 -19.97 -29.99 49.60
CA ASP A 467 -18.57 -30.33 49.21
C ASP A 467 -18.46 -30.67 47.72
N GLY A 468 -19.43 -30.28 46.91
CA GLY A 468 -19.46 -30.64 45.49
C GLY A 468 -18.43 -29.87 44.68
N VAL A 469 -18.09 -30.37 43.49
CA VAL A 469 -17.27 -29.67 42.46
C VAL A 469 -18.17 -29.02 41.38
N SER A 470 -17.79 -27.84 40.90
CA SER A 470 -18.19 -27.24 39.61
C SER A 470 -17.06 -27.45 38.60
N ILE A 471 -17.40 -27.94 37.44
CA ILE A 471 -16.54 -27.91 36.24
C ILE A 471 -17.27 -27.02 35.24
N PRO A 472 -16.73 -25.86 34.87
CA PRO A 472 -15.42 -25.42 35.33
C PRO A 472 -15.40 -24.85 36.74
N GLY A 473 -14.23 -24.85 37.37
CA GLY A 473 -13.99 -24.28 38.72
C GLY A 473 -13.58 -22.82 38.69
N GLU A 474 -12.97 -22.36 37.60
CA GLU A 474 -12.52 -20.95 37.53
C GLU A 474 -12.28 -20.56 36.06
N TYR A 475 -12.61 -19.30 35.75
CA TYR A 475 -12.24 -18.67 34.45
C TYR A 475 -11.83 -17.20 34.69
N THR A 476 -11.03 -16.68 33.75
CA THR A 476 -10.42 -15.31 33.79
C THR A 476 -10.50 -14.72 32.38
N SER A 477 -11.03 -13.51 32.22
CA SER A 477 -10.92 -12.76 30.95
C SER A 477 -9.53 -12.13 30.88
N PHE A 478 -9.02 -11.94 29.67
CA PHE A 478 -7.81 -11.11 29.37
C PHE A 478 -8.16 -10.08 28.32
N LEU A 479 -7.38 -9.00 28.28
CA LEU A 479 -7.58 -7.80 27.42
C LEU A 479 -6.21 -7.47 26.82
N ALA A 480 -6.14 -6.79 25.70
CA ALA A 480 -4.89 -6.27 25.14
C ALA A 480 -5.22 -5.17 24.14
N PRO A 481 -4.54 -4.01 24.21
CA PRO A 481 -4.82 -2.90 23.32
C PRO A 481 -4.37 -3.34 21.93
N ILE A 482 -5.13 -3.05 20.88
CA ILE A 482 -4.76 -3.35 19.47
C ILE A 482 -4.84 -2.08 18.61
N SER A 483 -4.14 -2.14 17.49
CA SER A 483 -4.23 -1.15 16.40
C SER A 483 -4.70 -1.91 15.18
N SER A 484 -5.74 -1.40 14.54
CA SER A 484 -6.22 -1.91 13.24
C SER A 484 -7.21 -0.87 12.73
N SER A 485 -6.75 -0.05 11.81
CA SER A 485 -7.54 0.94 11.04
C SER A 485 -8.49 0.18 10.13
N LYS A 486 -8.14 -1.06 9.82
CA LYS A 486 -9.04 -2.00 9.10
C LYS A 486 -10.33 -2.29 9.93
N LEU A 487 -10.21 -2.72 11.20
CA LEU A 487 -11.34 -3.14 12.05
C LEU A 487 -12.10 -1.89 12.51
N TYR A 488 -11.38 -0.79 12.69
CA TYR A 488 -12.00 0.50 13.08
C TYR A 488 -13.02 0.89 12.01
N ASN A 489 -12.56 0.93 10.76
CA ASN A 489 -13.35 1.19 9.53
C ASN A 489 -14.59 0.24 9.44
N GLU A 490 -14.41 -1.06 9.72
CA GLU A 490 -15.43 -2.14 9.76
C GLU A 490 -16.52 -1.86 10.82
N VAL A 491 -16.10 -1.52 12.04
CA VAL A 491 -17.04 -1.08 13.13
C VAL A 491 -17.79 0.20 12.71
N ARG A 492 -17.08 1.19 12.17
CA ARG A 492 -17.64 2.47 11.67
C ARG A 492 -18.79 2.16 10.69
N ALA A 493 -18.67 1.10 9.90
CA ALA A 493 -19.64 0.77 8.83
C ALA A 493 -20.90 0.14 9.38
N CYS A 494 -21.02 -0.15 10.66
CA CYS A 494 -22.19 -0.83 11.27
C CYS A 494 -23.16 0.25 11.77
N ARG A 495 -23.11 1.45 11.22
CA ARG A 495 -24.14 2.44 11.60
C ARG A 495 -25.48 1.94 11.09
N GLU A 496 -26.56 2.09 11.85
CA GLU A 496 -27.92 1.67 11.44
C GLU A 496 -28.91 2.82 11.62
N LYS A 497 -29.86 2.97 10.68
CA LYS A 497 -31.20 3.61 10.85
C LYS A 497 -31.60 3.55 12.33
N ASP A 498 -32.17 4.63 12.85
CA ASP A 498 -33.05 4.49 14.05
C ASP A 498 -32.32 3.96 15.27
N ARG A 499 -31.01 4.16 15.40
CA ARG A 499 -30.37 4.17 16.76
C ARG A 499 -29.27 5.24 16.83
N ASP A 500 -28.72 5.42 18.01
CA ASP A 500 -27.55 6.30 18.22
C ASP A 500 -26.58 6.12 17.06
N PRO A 501 -26.11 7.21 16.41
CA PRO A 501 -25.18 7.10 15.30
C PRO A 501 -23.81 6.51 15.63
N GLU A 502 -23.56 6.25 16.92
CA GLU A 502 -22.23 5.84 17.46
C GLU A 502 -22.35 4.54 18.29
N ALA A 503 -23.56 4.00 18.43
CA ALA A 503 -23.84 2.75 19.17
C ALA A 503 -22.86 1.67 18.75
N GLN A 504 -22.56 1.56 17.45
CA GLN A 504 -21.66 0.51 16.94
C GLN A 504 -20.30 0.60 17.62
N PHE A 505 -19.91 1.72 18.21
CA PHE A 505 -18.59 1.78 18.91
C PHE A 505 -18.70 1.34 20.38
N GLU A 506 -19.91 1.20 20.93
CA GLU A 506 -20.25 0.91 22.35
C GLU A 506 -20.70 -0.53 22.47
N MET A 507 -20.18 -1.43 21.65
CA MET A 507 -20.59 -2.85 21.83
C MET A 507 -19.48 -3.77 21.38
N PRO A 508 -19.31 -4.92 22.06
CA PRO A 508 -18.32 -5.89 21.67
C PRO A 508 -18.69 -6.64 20.38
N TYR A 509 -17.70 -6.99 19.57
CA TYR A 509 -17.86 -7.92 18.44
C TYR A 509 -16.95 -9.12 18.68
N VAL A 510 -17.40 -10.32 18.35
CA VAL A 510 -16.53 -11.52 18.22
C VAL A 510 -16.03 -11.52 16.79
N VAL A 511 -14.76 -11.82 16.60
CA VAL A 511 -14.08 -11.59 15.31
C VAL A 511 -12.71 -12.26 15.40
N ARG A 512 -12.40 -13.06 14.37
CA ARG A 512 -11.07 -13.68 14.14
C ARG A 512 -10.16 -12.52 13.69
N LEU A 513 -9.75 -11.69 14.66
CA LEU A 513 -8.85 -10.53 14.42
C LEU A 513 -7.70 -11.00 13.53
N HIS A 514 -7.43 -10.35 12.42
CA HIS A 514 -6.38 -10.84 11.51
C HIS A 514 -5.43 -9.71 11.10
N ASN A 515 -5.96 -8.68 10.44
CA ASN A 515 -5.17 -7.52 9.96
C ASN A 515 -5.06 -6.56 11.16
N PHE A 516 -4.10 -6.77 12.04
CA PHE A 516 -4.04 -5.99 13.30
C PHE A 516 -2.69 -6.13 13.99
N HIS A 517 -2.51 -5.35 15.05
CA HIS A 517 -1.24 -5.24 15.80
C HIS A 517 -1.53 -5.24 17.29
N GLN A 518 -1.21 -6.32 17.99
CA GLN A 518 -1.33 -6.39 19.47
C GLN A 518 -0.22 -5.49 20.03
N LEU A 519 -0.58 -4.39 20.67
CA LEU A 519 0.34 -3.33 21.14
C LEU A 519 0.91 -3.63 22.53
N SER A 520 0.54 -4.69 23.23
CA SER A 520 1.03 -4.93 24.61
C SER A 520 0.53 -6.31 25.03
N ALA A 521 1.15 -6.96 26.00
CA ALA A 521 0.82 -8.38 26.28
C ALA A 521 -0.52 -8.41 26.99
N PRO A 522 -1.41 -9.41 26.73
CA PRO A 522 -2.66 -9.54 27.45
C PRO A 522 -2.40 -9.48 28.95
N GLN A 523 -3.41 -9.17 29.71
CA GLN A 523 -3.37 -9.04 31.19
C GLN A 523 -4.74 -9.46 31.70
N PRO A 524 -4.81 -10.13 32.87
CA PRO A 524 -6.08 -10.57 33.41
C PRO A 524 -6.96 -9.37 33.74
N CYS A 525 -8.25 -9.52 33.45
CA CYS A 525 -9.33 -8.50 33.64
C CYS A 525 -10.25 -8.93 34.79
N PHE A 526 -11.18 -9.83 34.55
CA PHE A 526 -12.21 -10.23 35.53
C PHE A 526 -12.08 -11.73 35.75
N THR A 527 -12.17 -12.17 37.02
CA THR A 527 -12.07 -13.62 37.38
C THR A 527 -13.31 -14.09 38.14
N PHE A 528 -13.75 -15.31 37.94
CA PHE A 528 -14.90 -15.90 38.71
C PHE A 528 -14.56 -17.31 39.11
N SER A 529 -15.01 -17.72 40.30
CA SER A 529 -14.79 -19.06 40.93
C SER A 529 -16.15 -19.68 41.24
N HIS A 530 -16.25 -21.00 41.05
CA HIS A 530 -17.48 -21.82 41.26
C HIS A 530 -17.12 -23.07 42.04
N PRO A 531 -17.74 -23.31 43.20
CA PRO A 531 -18.74 -22.39 43.76
C PRO A 531 -18.19 -21.08 44.32
N ASN A 532 -19.12 -20.16 44.61
CA ASN A 532 -18.85 -18.82 45.18
C ASN A 532 -19.09 -18.88 46.70
N ARG A 533 -18.07 -19.36 47.42
CA ARG A 533 -18.05 -19.66 48.88
C ARG A 533 -18.67 -18.48 49.66
N ASP A 534 -18.07 -17.27 49.54
CA ASP A 534 -18.27 -16.06 50.41
C ASP A 534 -19.50 -15.26 49.98
N PRO A 535 -20.49 -15.04 50.89
CA PRO A 535 -21.79 -14.46 50.52
C PRO A 535 -21.77 -12.93 50.42
N MET A 536 -22.93 -12.31 50.18
CA MET A 536 -23.05 -10.94 49.61
C MET A 536 -22.27 -10.93 48.29
N ILE A 537 -22.69 -11.80 47.35
CA ILE A 537 -21.87 -12.39 46.22
C ILE A 537 -21.19 -11.29 45.37
N ASP A 538 -22.02 -10.43 44.76
CA ASP A 538 -21.68 -9.30 43.85
C ASP A 538 -20.70 -9.77 42.75
N ASN A 539 -21.24 -9.86 41.52
CA ASN A 539 -20.58 -10.28 40.25
C ASN A 539 -20.29 -9.04 39.40
N ASN A 540 -20.58 -7.84 39.91
CA ASN A 540 -20.14 -6.57 39.30
C ASN A 540 -18.65 -6.37 39.59
N ARG A 541 -18.01 -5.49 38.84
CA ARG A 541 -16.55 -5.34 38.97
C ARG A 541 -16.06 -4.09 38.27
N TYR A 542 -14.93 -3.58 38.78
CA TYR A 542 -14.11 -2.47 38.27
C TYR A 542 -12.68 -3.00 38.27
N CYS A 543 -11.94 -2.73 37.22
CA CYS A 543 -10.55 -3.18 37.07
C CYS A 543 -9.80 -2.08 36.31
N THR A 544 -8.56 -1.80 36.64
CA THR A 544 -7.71 -0.85 35.86
C THR A 544 -6.54 -1.64 35.28
N LEU A 545 -6.20 -1.44 34.02
CA LEU A 545 -5.05 -2.12 33.43
C LEU A 545 -4.13 -1.07 32.85
N GLU A 546 -2.82 -1.29 33.04
CA GLU A 546 -1.68 -0.48 32.54
C GLU A 546 -0.92 -1.33 31.52
N PHE A 547 -1.02 -0.95 30.24
CA PHE A 547 -0.34 -1.61 29.09
C PHE A 547 0.89 -0.79 28.72
N PRO A 548 2.12 -1.25 29.08
CA PRO A 548 3.34 -0.70 28.49
C PRO A 548 3.31 -0.91 26.97
N VAL A 549 3.49 0.19 26.23
CA VAL A 549 3.58 0.19 24.73
C VAL A 549 4.98 0.67 24.30
N GLU A 550 5.60 -0.08 23.39
CA GLU A 550 7.02 0.00 22.94
C GLU A 550 7.05 0.55 21.51
N VAL A 551 5.96 0.98 20.91
CA VAL A 551 6.03 1.47 19.49
C VAL A 551 5.24 2.76 19.44
N ASN A 552 5.41 3.55 18.38
CA ASN A 552 4.42 4.61 18.07
C ASN A 552 3.29 3.85 17.41
N THR A 553 2.04 4.28 17.57
CA THR A 553 0.89 3.51 16.99
C THR A 553 -0.42 4.32 17.06
N VAL A 554 -1.52 3.62 16.81
CA VAL A 554 -2.90 4.17 16.98
C VAL A 554 -3.79 3.10 17.58
N LEU A 555 -4.40 3.38 18.73
CA LEU A 555 -5.31 2.47 19.48
C LEU A 555 -6.68 2.51 18.80
N HIS A 556 -7.29 1.36 18.49
CA HIS A 556 -8.65 1.33 17.90
C HIS A 556 -9.63 0.56 18.79
N GLY A 557 -9.15 -0.06 19.86
CA GLY A 557 -9.96 -1.00 20.67
C GLY A 557 -9.12 -2.03 21.37
N PHE A 558 -9.74 -2.93 22.10
CA PHE A 558 -9.09 -3.95 22.94
C PHE A 558 -9.55 -5.36 22.51
N ALA A 559 -8.63 -6.24 22.11
CA ALA A 559 -8.86 -7.70 21.97
C ALA A 559 -9.17 -8.29 23.34
N GLY A 560 -10.12 -9.22 23.34
CA GLY A 560 -10.51 -9.95 24.55
C GLY A 560 -10.36 -11.43 24.32
N TYR A 561 -9.88 -12.12 25.34
CA TYR A 561 -9.64 -13.57 25.30
C TYR A 561 -9.94 -14.08 26.72
N PHE A 562 -9.89 -15.39 26.94
CA PHE A 562 -10.10 -15.95 28.30
C PHE A 562 -9.27 -17.21 28.45
N GLU A 563 -9.21 -17.66 29.68
CA GLU A 563 -8.69 -18.99 30.09
C GLU A 563 -9.66 -19.52 31.13
N THR A 564 -9.78 -20.84 31.26
CA THR A 564 -10.67 -21.45 32.28
C THR A 564 -9.97 -22.68 32.84
N VAL A 565 -10.19 -22.90 34.13
CA VAL A 565 -9.77 -24.12 34.86
C VAL A 565 -11.04 -24.93 34.93
N LEU A 566 -11.10 -26.02 34.17
CA LEU A 566 -12.22 -26.97 34.30
C LEU A 566 -12.07 -27.74 35.63
N TYR A 567 -10.95 -28.46 35.76
CA TYR A 567 -10.51 -29.24 36.95
C TYR A 567 -8.99 -29.29 37.02
N GLN A 568 -8.49 -28.87 38.18
CA GLN A 568 -7.05 -28.96 38.58
C GLN A 568 -6.24 -28.48 37.38
N ASP A 569 -5.55 -29.36 36.66
CA ASP A 569 -4.55 -28.98 35.63
C ASP A 569 -5.18 -29.06 34.24
N ILE A 570 -6.44 -29.48 34.14
CA ILE A 570 -7.20 -29.51 32.87
C ILE A 570 -7.81 -28.13 32.59
N THR A 571 -7.42 -27.51 31.49
CA THR A 571 -7.73 -26.10 31.20
C THR A 571 -7.99 -25.90 29.70
N LEU A 572 -8.57 -24.74 29.39
CA LEU A 572 -8.86 -24.26 28.01
C LEU A 572 -8.37 -22.84 27.98
N SER A 573 -7.90 -22.42 26.80
CA SER A 573 -7.36 -21.06 26.58
C SER A 573 -7.62 -20.57 25.16
N ILE A 574 -8.00 -19.31 25.02
CA ILE A 574 -7.98 -18.64 23.70
C ILE A 574 -7.11 -17.38 23.77
N ARG A 575 -6.38 -17.23 24.89
CA ARG A 575 -5.21 -16.34 25.06
C ARG A 575 -4.12 -16.82 24.12
N PRO A 576 -3.72 -16.01 23.11
CA PRO A 576 -2.85 -16.49 22.02
C PRO A 576 -1.57 -17.17 22.51
N GLU A 577 -0.97 -16.70 23.59
CA GLU A 577 0.33 -17.23 24.09
C GLU A 577 0.13 -18.63 24.72
N THR A 578 -1.09 -19.00 25.15
CA THR A 578 -1.36 -20.33 25.78
C THR A 578 -2.51 -21.08 25.09
N HIS A 579 -2.88 -20.63 23.90
CA HIS A 579 -4.07 -21.13 23.17
C HIS A 579 -4.10 -22.65 23.20
N SER A 580 -5.17 -23.28 23.72
CA SER A 580 -5.40 -24.74 23.58
C SER A 580 -5.22 -25.08 22.10
N PRO A 581 -4.23 -25.90 21.72
CA PRO A 581 -3.97 -26.10 20.30
C PRO A 581 -5.14 -26.90 19.77
N GLY A 582 -5.55 -26.64 18.52
CA GLY A 582 -6.65 -27.37 17.85
C GLY A 582 -8.03 -26.77 18.06
N MET A 583 -8.24 -25.99 19.14
CA MET A 583 -9.60 -25.65 19.67
C MET A 583 -10.16 -24.38 19.04
N PHE A 584 -11.06 -24.52 18.08
CA PHE A 584 -11.59 -23.37 17.28
C PHE A 584 -12.99 -22.92 17.70
N SER A 585 -13.57 -23.39 18.79
CA SER A 585 -14.96 -23.03 19.16
C SER A 585 -15.08 -21.51 19.34
N TRP A 586 -14.11 -20.88 19.99
CA TRP A 586 -14.17 -19.43 20.31
C TRP A 586 -13.16 -18.62 19.47
N PHE A 587 -13.61 -17.56 18.80
CA PHE A 587 -12.76 -16.44 18.30
C PHE A 587 -12.65 -15.37 19.36
N PRO A 588 -11.69 -14.45 19.24
CA PRO A 588 -11.54 -13.37 20.21
C PRO A 588 -12.73 -12.43 20.10
N ILE A 589 -12.85 -11.60 21.12
CA ILE A 589 -13.85 -10.51 21.19
C ILE A 589 -13.05 -9.24 21.00
N LEU A 590 -13.70 -8.13 20.64
CA LEU A 590 -13.08 -6.83 20.34
C LEU A 590 -13.99 -5.81 20.98
N PHE A 591 -13.41 -4.88 21.70
CA PHE A 591 -14.12 -3.75 22.34
C PHE A 591 -13.62 -2.52 21.63
N PRO A 592 -14.34 -1.87 20.71
CA PRO A 592 -13.81 -0.72 20.00
C PRO A 592 -13.86 0.48 20.93
N ILE A 593 -13.23 1.57 20.49
CA ILE A 593 -13.41 2.94 21.06
C ILE A 593 -13.82 3.88 19.92
N LYS A 594 -14.67 4.87 20.24
CA LYS A 594 -15.30 5.76 19.25
C LYS A 594 -14.22 6.47 18.45
N GLN A 595 -13.18 6.97 19.14
CA GLN A 595 -12.15 7.86 18.56
C GLN A 595 -10.77 7.25 18.76
N PRO A 596 -9.99 7.05 17.69
CA PRO A 596 -8.66 6.48 17.79
C PRO A 596 -7.74 7.41 18.57
N ILE A 597 -6.70 6.83 19.16
CA ILE A 597 -5.87 7.50 20.19
C ILE A 597 -4.43 7.22 19.83
N THR A 598 -3.72 8.26 19.41
CA THR A 598 -2.25 8.22 19.16
C THR A 598 -1.52 7.69 20.40
N VAL A 599 -0.65 6.70 20.26
CA VAL A 599 0.24 6.29 21.36
C VAL A 599 1.70 6.43 20.88
N ARG A 600 2.55 7.23 21.56
CA ARG A 600 4.01 7.40 21.31
C ARG A 600 4.77 6.21 21.93
N GLU A 601 5.90 5.78 21.36
CA GLU A 601 6.75 4.74 22.01
C GLU A 601 7.05 5.17 23.44
N GLY A 602 6.96 4.23 24.39
CA GLY A 602 7.26 4.39 25.83
C GLY A 602 6.05 4.76 26.64
N GLN A 603 5.00 5.29 26.00
CA GLN A 603 3.77 5.70 26.71
C GLN A 603 3.00 4.45 27.13
N THR A 604 2.29 4.59 28.25
CA THR A 604 1.42 3.56 28.85
C THR A 604 -0.02 3.78 28.43
N ILE A 605 -0.68 2.77 27.86
CA ILE A 605 -2.16 2.78 27.62
C ILE A 605 -2.83 2.32 28.90
N CYS A 606 -3.65 3.17 29.53
CA CYS A 606 -4.44 2.84 30.74
C CYS A 606 -5.91 2.69 30.33
N VAL A 607 -6.44 1.47 30.51
CA VAL A 607 -7.86 1.13 30.24
C VAL A 607 -8.59 0.71 31.52
N ARG A 608 -9.86 1.00 31.59
CA ARG A 608 -10.69 0.70 32.76
C ARG A 608 -11.90 -0.09 32.31
N PHE A 609 -12.13 -1.29 32.84
CA PHE A 609 -13.35 -2.06 32.53
C PHE A 609 -14.27 -2.12 33.75
N TRP A 610 -15.57 -1.87 33.52
CA TRP A 610 -16.63 -2.20 34.50
C TRP A 610 -17.49 -3.35 34.01
N ARG A 611 -17.85 -4.28 34.91
CA ARG A 611 -18.92 -5.26 34.64
C ARG A 611 -20.09 -4.83 35.51
N CYS A 612 -21.19 -4.38 34.92
CA CYS A 612 -22.33 -3.88 35.70
C CYS A 612 -23.54 -4.78 35.49
N SER A 613 -24.54 -4.58 36.33
CA SER A 613 -25.74 -5.42 36.34
C SER A 613 -26.86 -4.65 37.03
N ASN A 614 -28.07 -4.93 36.57
CA ASN A 614 -29.30 -4.81 37.36
C ASN A 614 -29.88 -6.24 37.37
N SER A 615 -31.17 -6.37 37.69
CA SER A 615 -31.86 -7.67 37.85
C SER A 615 -32.31 -8.20 36.47
N LYS A 616 -32.35 -7.32 35.44
CA LYS A 616 -32.80 -7.66 34.06
C LYS A 616 -31.63 -7.88 33.09
N LYS A 617 -30.56 -7.07 33.23
CA LYS A 617 -29.45 -6.89 32.24
C LYS A 617 -28.10 -6.98 32.95
N VAL A 618 -27.09 -7.46 32.21
CA VAL A 618 -25.66 -7.35 32.53
C VAL A 618 -25.03 -6.67 31.35
N TRP A 619 -24.00 -5.85 31.60
CA TRP A 619 -23.22 -5.21 30.49
C TRP A 619 -21.82 -4.83 30.94
N TYR A 620 -20.96 -4.49 29.99
CA TYR A 620 -19.62 -3.89 30.21
C TYR A 620 -19.71 -2.37 29.92
N GLU A 621 -18.94 -1.60 30.66
CA GLU A 621 -18.58 -0.20 30.32
C GLU A 621 -17.06 -0.12 30.33
N TRP A 622 -16.47 0.84 29.61
CA TRP A 622 -14.99 0.85 29.44
C TRP A 622 -14.51 2.23 29.06
N ALA A 623 -13.25 2.52 29.41
CA ALA A 623 -12.64 3.86 29.26
C ALA A 623 -11.13 3.72 29.12
N VAL A 624 -10.58 4.57 28.27
CA VAL A 624 -9.14 4.88 28.19
C VAL A 624 -8.92 6.14 29.03
N THR A 625 -7.98 6.08 29.98
CA THR A 625 -7.68 7.20 30.89
C THR A 625 -6.28 7.74 30.60
N ALA A 626 -5.42 6.96 29.90
CA ALA A 626 -4.09 7.38 29.41
C ALA A 626 -3.72 6.66 28.11
N PRO A 627 -2.91 7.28 27.24
CA PRO A 627 -2.33 8.59 27.46
C PRO A 627 -3.31 9.77 27.47
N VAL A 628 -4.40 9.72 26.71
CA VAL A 628 -5.51 10.71 26.81
C VAL A 628 -6.77 9.94 27.17
N CYS A 629 -7.86 10.61 27.59
CA CYS A 629 -9.15 9.95 27.95
C CYS A 629 -10.02 9.76 26.69
N SER A 630 -10.60 8.57 26.56
CA SER A 630 -11.87 8.34 25.82
C SER A 630 -13.01 8.84 26.69
N ALA A 631 -14.18 9.00 26.10
CA ALA A 631 -15.47 8.99 26.82
C ALA A 631 -15.66 7.62 27.45
N ILE A 632 -16.45 7.54 28.50
CA ILE A 632 -16.97 6.22 28.95
C ILE A 632 -17.82 5.63 27.83
N HIS A 633 -17.45 4.47 27.36
CA HIS A 633 -18.23 3.70 26.37
C HIS A 633 -19.37 2.94 27.07
N ASN A 634 -20.55 2.97 26.48
CA ASN A 634 -21.72 2.14 26.86
C ASN A 634 -22.17 2.47 28.27
N PRO A 635 -22.30 3.73 28.68
CA PRO A 635 -22.81 4.01 30.00
C PRO A 635 -24.19 3.38 30.17
N THR A 636 -24.39 2.67 31.29
CA THR A 636 -25.72 2.11 31.66
C THR A 636 -26.24 1.11 30.59
N GLY A 637 -25.40 0.49 29.79
CA GLY A 637 -25.80 -0.42 28.70
C GLY A 637 -26.65 0.28 27.66
N ARG A 638 -26.59 1.59 27.55
CA ARG A 638 -27.40 2.32 26.56
C ARG A 638 -27.22 1.69 25.18
N SER A 639 -26.10 1.07 24.85
CA SER A 639 -25.87 0.56 23.46
C SER A 639 -25.85 -0.96 23.42
N TYR A 640 -25.57 -1.63 24.53
CA TYR A 640 -25.28 -3.09 24.51
C TYR A 640 -25.56 -3.67 25.89
N THR A 641 -26.47 -4.64 25.98
CA THR A 641 -26.75 -5.37 27.23
C THR A 641 -26.88 -6.84 26.96
N ILE A 642 -26.72 -7.64 27.99
CA ILE A 642 -26.80 -9.11 27.91
C ILE A 642 -27.98 -9.49 28.81
N GLY A 643 -29.01 -10.16 28.28
CA GLY A 643 -30.27 -10.35 29.00
C GLY A 643 -30.12 -11.39 30.09
N LEU A 644 -30.57 -11.06 31.29
CA LEU A 644 -30.73 -12.07 32.38
C LEU A 644 -32.04 -12.86 32.16
N PRO B 27 9.92 8.08 -49.05
CA PRO B 27 11.36 8.45 -49.15
C PRO B 27 12.35 7.64 -48.28
N ASN B 28 12.17 6.31 -48.24
CA ASN B 28 13.15 5.25 -47.84
C ASN B 28 12.56 4.30 -46.77
N ALA B 29 11.72 4.79 -45.83
CA ALA B 29 11.21 4.10 -44.60
C ALA B 29 10.27 5.01 -43.79
N PRO B 30 9.67 4.53 -42.66
CA PRO B 30 8.34 4.98 -42.18
C PRO B 30 7.67 6.31 -42.61
N ALA B 31 6.31 6.28 -42.65
CA ALA B 31 5.38 7.04 -43.53
C ALA B 31 5.04 8.43 -42.94
N CYS B 32 3.78 8.71 -42.56
CA CYS B 32 3.36 9.93 -41.79
C CYS B 32 4.02 9.94 -40.38
N MET B 33 4.52 11.11 -39.96
CA MET B 33 5.26 11.26 -38.67
C MET B 33 4.27 11.71 -37.59
N GLU B 34 4.72 11.72 -36.32
CA GLU B 34 3.91 11.95 -35.10
C GLU B 34 3.72 13.45 -34.93
N ARG B 35 2.86 13.86 -33.99
CA ARG B 35 2.32 15.24 -33.82
C ARG B 35 3.28 15.98 -32.85
N GLN B 36 3.65 15.35 -31.73
CA GLN B 36 4.35 16.01 -30.61
C GLN B 36 5.87 15.93 -30.86
N LEU B 37 6.41 16.92 -31.59
CA LEU B 37 7.87 17.06 -31.84
C LEU B 37 8.54 17.41 -30.51
N GLU B 38 9.50 16.58 -30.08
CA GLU B 38 10.16 16.73 -28.77
C GLU B 38 11.57 17.34 -28.92
N ALA B 39 12.29 16.97 -29.98
CA ALA B 39 13.75 17.17 -30.14
C ALA B 39 14.08 17.73 -31.54
N ALA B 40 14.91 18.78 -31.61
CA ALA B 40 15.45 19.37 -32.87
C ALA B 40 16.88 19.92 -32.65
N ARG B 41 17.86 19.36 -33.37
CA ARG B 41 19.33 19.63 -33.23
C ARG B 41 20.05 19.61 -34.59
N TYR B 42 20.75 20.71 -34.94
CA TYR B 42 21.62 20.89 -36.14
C TYR B 42 23.01 20.30 -35.88
N ARG B 43 23.50 19.43 -36.77
CA ARG B 43 24.95 19.06 -36.82
C ARG B 43 25.75 20.05 -37.67
N SER B 44 27.09 19.98 -37.53
CA SER B 44 28.16 20.64 -38.34
C SER B 44 27.64 21.12 -39.69
N ASP B 45 27.32 20.18 -40.58
CA ASP B 45 27.07 20.45 -42.02
C ASP B 45 25.80 21.33 -42.18
N GLY B 46 24.76 21.17 -41.35
CA GLY B 46 23.56 22.05 -41.37
C GLY B 46 22.25 21.31 -41.60
N ALA B 47 22.35 19.98 -41.59
CA ALA B 47 21.22 19.02 -41.51
C ALA B 47 20.57 19.15 -40.12
N LEU B 48 19.27 18.85 -40.06
CA LEU B 48 18.38 19.02 -38.89
C LEU B 48 17.87 17.66 -38.44
N LEU B 49 18.11 17.32 -37.18
CA LEU B 49 17.59 16.08 -36.55
C LEU B 49 16.30 16.42 -35.80
N LEU B 50 15.19 15.80 -36.20
CA LEU B 50 13.86 15.75 -35.48
C LEU B 50 13.65 14.38 -34.84
N GLY B 51 13.31 14.40 -33.55
CA GLY B 51 12.62 13.30 -32.84
C GLY B 51 11.24 13.75 -32.43
N ALA B 52 10.32 12.80 -32.35
CA ALA B 52 8.87 13.05 -32.22
C ALA B 52 8.23 11.86 -31.48
N SER B 53 7.19 12.13 -30.69
CA SER B 53 6.36 11.12 -30.00
C SER B 53 4.89 11.40 -30.33
N SER B 54 4.06 10.36 -30.30
CA SER B 54 2.59 10.46 -30.18
C SER B 54 2.27 10.34 -28.68
N LEU B 55 1.85 11.46 -28.09
CA LEU B 55 1.43 11.53 -26.67
C LEU B 55 -0.09 11.27 -26.50
N SER B 56 -0.82 11.19 -27.61
CA SER B 56 -2.24 10.81 -27.67
C SER B 56 -2.47 9.84 -28.83
N GLY B 57 -3.68 9.29 -28.94
CA GLY B 57 -4.05 8.35 -30.02
C GLY B 57 -3.92 6.91 -29.61
N ARG B 58 -4.23 6.02 -30.57
CA ARG B 58 -4.31 4.56 -30.38
C ARG B 58 -2.94 4.09 -29.89
N CYS B 59 -1.92 4.74 -30.43
CA CYS B 59 -0.55 4.20 -30.50
C CYS B 59 0.41 5.30 -30.04
N TRP B 60 1.08 5.07 -28.91
CA TRP B 60 2.09 5.97 -28.31
C TRP B 60 3.46 5.44 -28.66
N ALA B 61 3.96 5.79 -29.83
CA ALA B 61 5.38 5.59 -30.15
C ALA B 61 6.01 6.95 -30.48
N GLY B 62 6.92 6.91 -31.45
CA GLY B 62 7.86 8.00 -31.76
C GLY B 62 8.74 7.61 -32.91
N SER B 63 9.59 8.54 -33.35
CA SER B 63 10.30 8.45 -34.64
C SER B 63 11.47 9.43 -34.65
N LEU B 64 12.47 9.11 -35.48
CA LEU B 64 13.72 9.88 -35.73
C LEU B 64 13.72 10.30 -37.21
N TRP B 65 14.02 11.56 -37.50
CA TRP B 65 14.01 12.12 -38.88
C TRP B 65 15.27 12.94 -39.12
N LEU B 66 15.91 12.76 -40.28
CA LEU B 66 16.94 13.72 -40.78
C LEU B 66 16.36 14.50 -41.96
N PHE B 67 16.49 15.82 -41.91
CA PHE B 67 16.17 16.79 -42.99
C PHE B 67 17.44 17.52 -43.45
N LYS B 68 17.96 17.16 -44.63
CA LYS B 68 19.05 17.88 -45.33
C LYS B 68 18.44 19.15 -45.96
N ASP B 69 17.11 19.27 -45.93
CA ASP B 69 16.40 20.56 -46.20
C ASP B 69 15.66 21.01 -44.94
N PRO B 70 16.25 21.88 -44.08
CA PRO B 70 15.59 22.35 -42.86
C PRO B 70 14.18 22.92 -43.12
N CYS B 71 14.05 23.69 -44.20
CA CYS B 71 12.86 24.54 -44.53
C CYS B 71 11.70 23.65 -45.02
N ALA B 72 11.97 22.43 -45.46
CA ALA B 72 10.96 21.51 -45.98
C ALA B 72 10.39 20.61 -44.86
N ALA B 73 10.85 20.78 -43.62
CA ALA B 73 10.41 19.96 -42.48
C ALA B 73 9.18 20.62 -41.87
N PRO B 74 8.25 19.84 -41.26
CA PRO B 74 8.43 18.39 -41.04
C PRO B 74 7.79 17.48 -42.11
N ASN B 75 7.47 18.01 -43.30
CA ASN B 75 6.95 17.23 -44.46
C ASN B 75 7.78 15.94 -44.59
N GLU B 76 7.18 14.80 -44.25
CA GLU B 76 7.69 13.41 -44.43
C GLU B 76 8.16 13.18 -45.87
N GLY B 77 7.49 13.78 -46.85
CA GLY B 77 7.78 13.58 -48.29
C GLY B 77 9.16 14.06 -48.67
N PHE B 78 9.64 15.12 -48.02
CA PHE B 78 10.77 15.97 -48.44
C PHE B 78 11.94 15.79 -47.45
N CYS B 79 12.14 14.59 -46.93
CA CYS B 79 13.17 14.25 -45.90
C CYS B 79 14.21 13.28 -46.49
N SER B 80 15.46 13.31 -45.98
CA SER B 80 16.54 12.36 -46.33
C SER B 80 16.27 10.98 -45.73
N ALA B 81 16.03 10.91 -44.43
CA ALA B 81 15.87 9.64 -43.69
C ALA B 81 14.81 9.74 -42.59
N GLY B 82 14.19 8.62 -42.24
CA GLY B 82 13.27 8.52 -41.10
C GLY B 82 13.19 7.09 -40.60
N VAL B 83 12.94 6.90 -39.30
CA VAL B 83 12.67 5.53 -38.76
C VAL B 83 11.67 5.62 -37.60
N GLN B 84 11.00 4.49 -37.37
CA GLN B 84 9.97 4.26 -36.32
C GLN B 84 10.69 3.68 -35.11
N THR B 85 10.57 4.32 -33.94
CA THR B 85 11.02 3.79 -32.62
C THR B 85 9.82 3.09 -31.96
N GLU B 86 10.06 2.20 -30.99
CA GLU B 86 8.98 1.33 -30.42
C GLU B 86 8.16 2.12 -29.40
N ALA B 87 8.77 3.12 -28.77
CA ALA B 87 8.17 3.96 -27.70
C ALA B 87 8.48 5.42 -28.02
N GLY B 88 8.10 6.32 -27.12
CA GLY B 88 8.26 7.76 -27.34
C GLY B 88 9.68 8.21 -27.11
N VAL B 89 9.99 9.35 -27.68
CA VAL B 89 11.28 10.06 -27.57
C VAL B 89 11.09 11.16 -26.54
N ALA B 90 11.70 11.00 -25.36
CA ALA B 90 11.73 11.99 -24.26
C ALA B 90 12.78 13.05 -24.54
N ASP B 91 13.94 12.64 -25.04
CA ASP B 91 15.03 13.57 -25.47
C ASP B 91 15.86 12.81 -26.50
N LEU B 92 16.69 13.54 -27.25
CA LEU B 92 17.85 12.91 -27.93
C LEU B 92 18.97 13.94 -28.14
N THR B 93 20.09 13.46 -28.67
CA THR B 93 21.27 14.27 -29.05
C THR B 93 22.01 13.58 -30.19
N TRP B 94 22.72 14.38 -30.97
CA TRP B 94 23.78 13.89 -31.88
C TRP B 94 24.94 13.28 -31.09
N VAL B 95 25.54 12.20 -31.59
CA VAL B 95 26.80 11.59 -31.05
C VAL B 95 27.82 11.62 -32.19
N GLY B 96 28.43 12.78 -32.48
CA GLY B 96 29.25 12.97 -33.68
C GLY B 96 28.39 13.29 -34.90
N GLU B 97 28.69 12.65 -36.03
CA GLU B 97 28.13 13.08 -37.35
C GLU B 97 27.01 12.13 -37.79
N ARG B 98 27.06 10.85 -37.41
CA ARG B 98 26.27 9.73 -38.00
C ARG B 98 25.40 9.03 -36.91
N GLY B 99 25.52 9.46 -35.65
CA GLY B 99 25.03 8.75 -34.45
C GLY B 99 23.91 9.52 -33.74
N ILE B 100 22.86 8.81 -33.30
CA ILE B 100 21.70 9.49 -32.66
C ILE B 100 21.37 8.76 -31.36
N LEU B 101 21.42 9.48 -30.24
CA LEU B 101 21.29 8.90 -28.89
C LEU B 101 19.91 9.27 -28.30
N VAL B 102 19.19 8.31 -27.74
CA VAL B 102 17.74 8.52 -27.50
C VAL B 102 17.35 8.07 -26.09
N ALA B 103 16.68 8.97 -25.38
CA ALA B 103 15.93 8.73 -24.13
C ALA B 103 14.53 8.20 -24.47
N SER B 104 14.24 6.93 -24.18
CA SER B 104 12.93 6.32 -24.53
C SER B 104 12.03 6.20 -23.28
N ASP B 105 10.72 6.39 -23.49
CA ASP B 105 9.64 6.05 -22.52
C ASP B 105 9.85 4.63 -21.96
N SER B 106 10.46 3.71 -22.74
CA SER B 106 10.53 2.25 -22.45
C SER B 106 11.49 1.98 -21.29
N GLY B 107 12.37 2.92 -20.95
CA GLY B 107 13.41 2.74 -19.92
C GLY B 107 14.76 2.46 -20.56
N ALA B 108 14.76 2.39 -21.88
CA ALA B 108 15.95 2.14 -22.71
C ALA B 108 16.62 3.46 -23.06
N VAL B 109 17.95 3.39 -23.10
CA VAL B 109 18.80 4.29 -23.92
C VAL B 109 19.10 3.57 -25.24
N GLU B 110 18.86 4.27 -26.34
CA GLU B 110 18.86 3.73 -27.73
C GLU B 110 19.94 4.48 -28.51
N LEU B 111 20.83 3.73 -29.14
CA LEU B 111 21.82 4.33 -30.08
C LEU B 111 21.47 3.86 -31.49
N TRP B 112 21.03 4.81 -32.29
CA TRP B 112 20.75 4.66 -33.75
C TRP B 112 21.96 5.19 -34.49
N GLU B 113 22.22 4.67 -35.69
CA GLU B 113 23.29 5.16 -36.60
C GLU B 113 22.76 5.22 -38.05
N LEU B 114 22.91 6.39 -38.67
CA LEU B 114 22.86 6.61 -40.14
C LEU B 114 23.82 5.63 -40.81
N ASP B 115 23.32 4.88 -41.81
CA ASP B 115 24.12 4.12 -42.81
C ASP B 115 25.10 5.08 -43.52
N GLU B 116 25.92 4.56 -44.44
CA GLU B 116 26.96 5.33 -45.18
C GLU B 116 26.31 6.35 -46.14
N ASN B 117 25.18 5.99 -46.75
CA ASN B 117 24.45 6.85 -47.73
C ASN B 117 23.79 8.02 -46.98
N GLU B 118 23.33 7.75 -45.75
CA GLU B 118 22.58 8.70 -44.86
C GLU B 118 21.16 8.83 -45.42
N THR B 119 20.52 7.68 -45.61
CA THR B 119 19.13 7.51 -46.10
C THR B 119 18.40 6.38 -45.34
N LEU B 120 19.09 5.68 -44.42
CA LEU B 120 18.53 4.74 -43.42
C LEU B 120 18.99 5.18 -42.02
N ILE B 121 18.19 4.92 -40.98
CA ILE B 121 18.61 5.05 -39.56
C ILE B 121 18.33 3.71 -38.92
N VAL B 122 19.39 3.08 -38.37
CA VAL B 122 19.44 1.65 -37.94
C VAL B 122 19.85 1.56 -36.47
N SER B 123 19.12 0.78 -35.69
CA SER B 123 19.44 0.53 -34.26
C SER B 123 20.83 -0.12 -34.17
N LYS B 124 21.77 0.50 -33.44
CA LYS B 124 23.06 -0.12 -33.04
C LYS B 124 22.86 -0.83 -31.68
N PHE B 125 22.27 -0.14 -30.68
CA PHE B 125 21.91 -0.75 -29.36
C PHE B 125 20.62 -0.14 -28.81
N CYS B 126 19.95 -0.97 -28.01
CA CYS B 126 18.69 -0.63 -27.28
C CYS B 126 18.77 -1.31 -25.91
N LYS B 127 19.17 -0.60 -24.87
CA LYS B 127 19.47 -1.26 -23.56
C LYS B 127 18.51 -0.79 -22.46
N TYR B 128 17.71 -1.74 -21.97
CA TYR B 128 16.63 -1.56 -20.97
C TYR B 128 17.31 -1.55 -19.59
N GLU B 129 17.94 -0.46 -19.17
CA GLU B 129 18.75 -0.44 -17.92
C GLU B 129 18.10 0.44 -16.84
N HIS B 130 17.18 1.33 -17.26
CA HIS B 130 16.34 2.18 -16.36
C HIS B 130 14.99 1.51 -16.03
N ASP B 131 14.40 1.92 -14.91
CA ASP B 131 13.22 1.26 -14.28
C ASP B 131 11.93 2.08 -14.57
N ASP B 132 12.04 3.13 -15.37
CA ASP B 132 10.96 4.11 -15.64
C ASP B 132 11.41 4.98 -16.81
N ILE B 133 10.53 5.86 -17.31
CA ILE B 133 10.78 6.70 -18.51
C ILE B 133 12.21 7.23 -18.43
N VAL B 134 13.01 7.02 -19.46
CA VAL B 134 14.29 7.78 -19.61
C VAL B 134 13.91 9.15 -20.16
N SER B 135 14.16 10.20 -19.37
CA SER B 135 13.72 11.58 -19.63
C SER B 135 14.83 12.44 -20.23
N THR B 136 16.10 12.22 -19.89
CA THR B 136 17.18 13.16 -20.33
C THR B 136 18.49 12.44 -20.65
N VAL B 137 19.25 13.03 -21.56
CA VAL B 137 20.43 12.36 -22.16
C VAL B 137 21.41 13.41 -22.73
N SER B 138 22.71 13.19 -22.51
CA SER B 138 23.76 14.20 -22.79
C SER B 138 25.11 13.51 -23.07
N VAL B 139 25.70 13.74 -24.27
CA VAL B 139 27.06 13.17 -24.63
C VAL B 139 28.19 13.98 -23.95
N LEU B 140 29.18 13.25 -23.45
CA LEU B 140 30.35 13.85 -22.73
C LEU B 140 31.41 14.34 -23.74
N SER B 141 32.32 15.19 -23.27
CA SER B 141 33.46 15.78 -24.02
C SER B 141 33.95 14.82 -25.10
N SER B 142 34.42 13.66 -24.64
CA SER B 142 35.08 12.58 -25.40
C SER B 142 34.29 12.16 -26.63
N GLY B 143 32.96 12.01 -26.53
CA GLY B 143 32.10 11.49 -27.61
C GLY B 143 31.96 9.97 -27.57
N THR B 144 32.54 9.32 -26.55
CA THR B 144 32.54 7.83 -26.34
C THR B 144 31.63 7.44 -25.16
N GLN B 145 31.11 8.42 -24.41
CA GLN B 145 30.32 8.22 -23.16
C GLN B 145 29.10 9.14 -23.20
N ALA B 146 28.06 8.77 -22.52
CA ALA B 146 26.98 9.72 -22.16
C ALA B 146 26.40 9.37 -20.79
N VAL B 147 25.44 10.19 -20.42
CA VAL B 147 24.75 10.09 -19.11
C VAL B 147 23.27 10.30 -19.41
N SER B 148 22.48 9.39 -18.89
CA SER B 148 21.01 9.44 -18.86
C SER B 148 20.55 9.78 -17.45
N GLY B 149 19.47 10.56 -17.38
CA GLY B 149 18.60 10.71 -16.20
C GLY B 149 17.24 10.11 -16.47
N SER B 150 16.50 9.72 -15.43
CA SER B 150 15.24 8.94 -15.54
C SER B 150 14.28 9.27 -14.42
N LYS B 151 13.00 8.91 -14.57
CA LYS B 151 11.95 9.11 -13.54
C LYS B 151 12.17 8.11 -12.39
N ASP B 152 12.94 7.04 -12.64
CA ASP B 152 13.40 6.02 -11.65
C ASP B 152 14.39 6.64 -10.64
N ILE B 153 14.83 7.88 -10.88
CA ILE B 153 15.63 8.73 -9.94
C ILE B 153 17.16 8.46 -10.08
N CYS B 154 17.56 7.37 -10.76
CA CYS B 154 18.97 7.01 -11.09
C CYS B 154 19.50 7.84 -12.27
N ILE B 155 20.77 8.26 -12.16
CA ILE B 155 21.60 8.84 -13.26
C ILE B 155 22.62 7.78 -13.69
N LYS B 156 22.78 7.55 -14.99
CA LYS B 156 23.66 6.44 -15.44
C LYS B 156 24.73 6.97 -16.41
N VAL B 157 25.93 6.41 -16.32
CA VAL B 157 27.05 6.74 -17.25
C VAL B 157 27.22 5.53 -18.18
N TRP B 158 27.12 5.79 -19.49
CA TRP B 158 27.20 4.78 -20.58
C TRP B 158 28.57 4.82 -21.28
N ASP B 159 29.18 3.66 -21.58
CA ASP B 159 30.22 3.55 -22.63
C ASP B 159 29.48 3.17 -23.93
N LEU B 160 29.50 4.07 -24.93
CA LEU B 160 28.75 3.95 -26.21
C LEU B 160 29.40 2.92 -27.13
N ALA B 161 30.74 2.76 -27.06
CA ALA B 161 31.53 1.70 -27.72
C ALA B 161 31.07 0.32 -27.22
N GLN B 162 31.21 0.01 -25.92
CA GLN B 162 30.94 -1.35 -25.35
C GLN B 162 29.45 -1.56 -25.00
N GLN B 163 28.58 -0.55 -25.16
CA GLN B 163 27.09 -0.65 -24.99
C GLN B 163 26.69 -1.23 -23.63
N VAL B 164 27.23 -0.65 -22.55
CA VAL B 164 27.01 -1.09 -21.15
C VAL B 164 26.97 0.18 -20.30
N VAL B 165 26.52 0.03 -19.04
CA VAL B 165 26.58 1.08 -17.96
C VAL B 165 27.88 0.95 -17.16
N LEU B 166 28.68 2.01 -17.10
CA LEU B 166 29.94 2.07 -16.27
C LEU B 166 29.59 2.35 -14.80
N SER B 167 28.71 3.30 -14.54
CA SER B 167 28.26 3.70 -13.19
C SER B 167 26.76 4.03 -13.19
N SER B 168 26.11 3.65 -12.09
CA SER B 168 24.72 4.01 -11.72
C SER B 168 24.70 4.77 -10.40
N TYR B 169 24.16 5.99 -10.40
CA TYR B 169 24.10 6.87 -9.21
C TYR B 169 22.64 7.24 -8.85
N ARG B 170 22.18 6.74 -7.70
CA ARG B 170 20.92 7.16 -7.05
C ARG B 170 21.28 8.31 -6.11
N ALA B 171 21.52 9.52 -6.63
CA ALA B 171 21.94 10.70 -5.82
C ALA B 171 20.71 11.51 -5.35
N HIS B 172 19.74 11.64 -6.23
CA HIS B 172 18.51 12.43 -6.01
C HIS B 172 17.46 11.59 -5.26
N ALA B 173 16.33 12.21 -4.95
CA ALA B 173 15.23 11.66 -4.12
C ALA B 173 13.89 11.85 -4.82
N ALA B 174 13.92 12.16 -6.11
CA ALA B 174 12.74 12.40 -6.97
C ALA B 174 13.21 12.35 -8.42
N GLN B 175 12.32 12.58 -9.41
CA GLN B 175 12.61 12.50 -10.86
C GLN B 175 13.81 13.37 -11.24
N VAL B 176 14.59 12.90 -12.22
CA VAL B 176 15.76 13.66 -12.78
C VAL B 176 15.23 14.39 -14.02
N THR B 177 15.14 15.72 -13.97
CA THR B 177 14.57 16.55 -15.05
C THR B 177 15.62 16.66 -16.15
N CYS B 178 16.88 16.87 -15.78
CA CYS B 178 17.89 17.36 -16.74
C CYS B 178 19.29 16.90 -16.36
N VAL B 179 20.05 16.39 -17.32
CA VAL B 179 21.52 16.21 -17.16
C VAL B 179 22.21 16.96 -18.31
N ALA B 180 23.37 17.54 -18.04
CA ALA B 180 24.07 18.39 -19.03
C ALA B 180 25.57 18.19 -18.82
N ALA B 181 26.18 17.54 -19.81
CA ALA B 181 27.63 17.23 -19.92
C ALA B 181 28.37 18.55 -19.89
N SER B 182 29.47 18.61 -19.15
CA SER B 182 30.49 19.63 -19.40
C SER B 182 30.83 19.46 -20.88
N PRO B 183 30.92 20.61 -21.62
CA PRO B 183 31.53 20.68 -22.98
C PRO B 183 32.97 20.13 -23.11
N HIS B 184 33.85 20.50 -22.16
CA HIS B 184 35.32 20.36 -22.28
C HIS B 184 35.85 19.31 -21.29
N LYS B 185 35.12 19.04 -20.22
CA LYS B 185 35.59 18.16 -19.12
C LYS B 185 34.74 16.89 -19.13
N ASP B 186 35.40 15.79 -19.52
CA ASP B 186 34.82 14.44 -19.77
C ASP B 186 34.26 13.81 -18.49
N SER B 187 34.56 14.33 -17.31
CA SER B 187 34.21 13.70 -16.00
C SER B 187 33.12 14.55 -15.29
N VAL B 188 32.83 15.73 -15.84
CA VAL B 188 31.97 16.77 -15.19
C VAL B 188 30.63 16.89 -15.95
N PHE B 189 29.54 17.06 -15.19
CA PHE B 189 28.19 17.37 -15.71
C PHE B 189 27.30 17.88 -14.58
N LEU B 190 26.20 18.53 -14.96
CA LEU B 190 25.17 18.97 -14.01
C LEU B 190 23.96 18.05 -14.15
N SER B 191 23.24 17.83 -13.06
CA SER B 191 21.89 17.22 -13.04
C SER B 191 21.03 18.09 -12.14
N CYS B 192 19.72 18.05 -12.37
CA CYS B 192 18.71 18.68 -11.48
C CYS B 192 17.45 17.82 -11.49
N SER B 193 16.64 17.99 -10.45
CA SER B 193 15.66 16.99 -10.01
C SER B 193 14.49 17.75 -9.39
N GLU B 194 13.37 17.06 -9.32
CA GLU B 194 12.24 17.46 -8.49
C GLU B 194 12.62 17.49 -7.02
N ASP B 195 13.69 16.83 -6.55
CA ASP B 195 14.09 16.97 -5.13
C ASP B 195 14.67 18.38 -4.93
N ASN B 196 14.63 19.25 -5.92
CA ASN B 196 15.05 20.67 -5.76
C ASN B 196 16.60 20.80 -5.64
N ARG B 197 17.35 19.75 -6.01
CA ARG B 197 18.83 19.73 -5.98
C ARG B 197 19.34 19.97 -7.41
N ILE B 198 20.33 20.86 -7.52
CA ILE B 198 21.27 20.91 -8.69
C ILE B 198 22.55 20.27 -8.21
N LEU B 199 22.95 19.17 -8.84
CA LEU B 199 24.23 18.48 -8.55
C LEU B 199 25.26 18.80 -9.64
N LEU B 200 26.41 19.39 -9.24
CA LEU B 200 27.65 19.46 -10.06
C LEU B 200 28.43 18.17 -9.83
N TRP B 201 28.64 17.38 -10.88
CA TRP B 201 29.29 16.07 -10.72
C TRP B 201 30.74 16.19 -11.18
N ASP B 202 31.58 15.29 -10.67
CA ASP B 202 32.98 15.07 -11.07
C ASP B 202 33.30 13.62 -10.68
N THR B 203 33.20 12.70 -11.64
CA THR B 203 33.52 11.23 -11.51
C THR B 203 34.90 11.02 -10.82
N ARG B 204 35.87 11.96 -10.89
CA ARG B 204 37.21 11.78 -10.25
C ARG B 204 37.11 11.76 -8.70
N CYS B 205 36.08 12.35 -8.06
CA CYS B 205 35.91 12.31 -6.56
C CYS B 205 35.28 10.99 -6.10
N PRO B 206 35.51 10.54 -4.84
CA PRO B 206 34.85 9.33 -4.33
C PRO B 206 33.36 9.58 -3.99
N LYS B 207 33.04 10.83 -3.60
CA LYS B 207 31.65 11.36 -3.57
C LYS B 207 31.48 12.35 -4.73
N PRO B 208 31.11 11.84 -5.93
CA PRO B 208 31.12 12.64 -7.14
C PRO B 208 30.23 13.87 -7.14
N ALA B 209 29.14 13.88 -6.39
CA ALA B 209 28.11 14.93 -6.56
C ALA B 209 28.33 16.02 -5.51
N SER B 210 28.06 17.27 -5.86
CA SER B 210 27.92 18.34 -4.85
C SER B 210 26.83 19.34 -5.27
N GLN B 211 26.22 19.91 -4.24
CA GLN B 211 24.91 20.56 -4.27
C GLN B 211 25.16 22.07 -4.19
N ILE B 212 24.75 22.80 -5.24
CA ILE B 212 24.97 24.28 -5.40
C ILE B 212 23.70 25.00 -4.94
N GLY B 213 23.82 26.10 -4.17
CA GLY B 213 22.70 26.99 -3.83
C GLY B 213 22.68 27.41 -2.37
N GLY B 218 13.68 27.64 -2.78
CA GLY B 218 13.82 27.56 -4.24
C GLY B 218 12.59 26.92 -4.88
N TYR B 219 12.15 27.46 -6.02
CA TYR B 219 11.31 26.77 -7.03
C TYR B 219 12.15 25.75 -7.80
N LEU B 220 11.57 24.61 -8.14
CA LEU B 220 12.28 23.44 -8.73
C LEU B 220 13.02 23.83 -10.00
N PRO B 221 14.28 23.39 -10.14
CA PRO B 221 15.01 23.55 -11.40
C PRO B 221 14.52 22.63 -12.51
N THR B 222 14.49 23.08 -13.77
CA THR B 222 13.92 22.31 -14.91
C THR B 222 14.86 22.22 -16.13
N SER B 223 15.62 23.26 -16.47
CA SER B 223 16.59 23.16 -17.60
C SER B 223 18.00 23.51 -17.12
N LEU B 224 19.01 23.14 -17.91
CA LEU B 224 20.44 23.38 -17.56
C LEU B 224 21.27 23.58 -18.83
N ALA B 225 21.92 24.74 -19.01
CA ALA B 225 22.96 24.81 -20.05
C ALA B 225 24.29 25.33 -19.52
N TRP B 226 25.36 24.59 -19.83
CA TRP B 226 26.76 25.07 -19.71
C TRP B 226 26.94 26.22 -20.70
N HIS B 227 27.55 27.30 -20.23
CA HIS B 227 28.14 28.40 -21.04
C HIS B 227 29.25 27.80 -21.91
N PRO B 228 29.28 28.08 -23.23
CA PRO B 228 30.27 27.45 -24.11
C PRO B 228 31.66 28.12 -24.03
N GLN B 229 31.83 29.20 -23.25
CA GLN B 229 33.11 29.97 -23.13
C GLN B 229 33.68 29.97 -21.70
N GLN B 230 32.85 29.96 -20.66
CA GLN B 230 33.31 30.19 -19.27
C GLN B 230 33.17 28.87 -18.50
N SER B 231 34.06 27.91 -18.80
CA SER B 231 34.13 26.51 -18.29
C SER B 231 33.43 26.31 -16.92
N GLU B 232 33.26 27.38 -16.11
CA GLU B 232 32.73 27.29 -14.72
C GLU B 232 31.39 28.04 -14.56
N VAL B 233 30.72 28.44 -15.65
CA VAL B 233 29.43 29.22 -15.67
C VAL B 233 28.34 28.35 -16.31
N PHE B 234 27.18 28.27 -15.68
CA PHE B 234 26.01 27.57 -16.27
C PHE B 234 24.75 28.38 -15.97
N VAL B 235 23.71 28.11 -16.75
CA VAL B 235 22.33 28.65 -16.58
C VAL B 235 21.38 27.49 -16.27
N PHE B 236 20.41 27.75 -15.39
CA PHE B 236 19.25 26.85 -15.06
C PHE B 236 17.95 27.66 -15.04
N GLY B 237 16.97 27.18 -15.80
CA GLY B 237 15.57 27.67 -15.74
C GLY B 237 14.79 26.86 -14.72
N ASP B 238 13.76 27.45 -14.11
CA ASP B 238 12.99 26.81 -13.00
C ASP B 238 11.53 26.62 -13.43
N GLU B 239 10.66 26.14 -12.53
CA GLU B 239 9.26 25.74 -12.90
C GLU B 239 8.33 26.97 -12.90
N ASN B 240 8.83 28.12 -12.44
CA ASN B 240 8.11 29.42 -12.36
C ASN B 240 8.54 30.33 -13.50
N GLY B 241 9.31 29.88 -14.48
CA GLY B 241 9.74 30.67 -15.66
C GLY B 241 10.91 31.61 -15.41
N THR B 242 11.61 31.53 -14.27
CA THR B 242 12.86 32.30 -14.01
C THR B 242 14.09 31.63 -14.64
N VAL B 243 14.88 32.37 -15.41
CA VAL B 243 16.23 31.97 -15.90
C VAL B 243 17.26 32.60 -14.98
N SER B 244 18.24 31.81 -14.55
CA SER B 244 19.30 32.23 -13.58
C SER B 244 20.70 31.92 -14.16
N LEU B 245 21.67 32.75 -13.81
CA LEU B 245 23.08 32.66 -14.27
C LEU B 245 23.98 32.40 -13.06
N VAL B 246 24.89 31.43 -13.14
CA VAL B 246 25.64 30.97 -11.93
C VAL B 246 27.09 30.61 -12.29
N ASP B 247 28.06 31.05 -11.47
CA ASP B 247 29.54 30.89 -11.68
C ASP B 247 30.20 30.16 -10.51
N THR B 248 29.65 29.01 -10.06
CA THR B 248 30.34 28.01 -9.17
C THR B 248 30.97 28.72 -7.95
N LYS B 249 31.86 29.71 -8.21
CA LYS B 249 32.61 30.56 -7.24
C LYS B 249 31.79 31.80 -6.79
N SER B 250 32.47 32.94 -6.49
CA SER B 250 31.95 34.12 -5.72
C SER B 250 30.74 34.76 -6.43
N CYS B 253 23.38 38.12 -4.61
CA CYS B 253 22.51 37.96 -5.82
C CYS B 253 23.37 37.48 -7.00
N VAL B 254 23.40 36.15 -7.25
CA VAL B 254 23.64 35.55 -8.61
C VAL B 254 22.54 36.14 -9.50
N LEU B 255 22.76 36.26 -10.81
CA LEU B 255 21.87 37.04 -11.72
C LEU B 255 20.68 36.18 -12.20
N SER B 256 19.49 36.80 -12.35
CA SER B 256 18.19 36.18 -12.77
C SER B 256 17.23 37.24 -13.32
N SER B 257 16.41 36.88 -14.31
CA SER B 257 15.21 37.64 -14.73
C SER B 257 13.99 36.70 -14.75
N ALA B 258 12.78 37.25 -14.63
CA ALA B 258 11.54 36.51 -14.93
C ALA B 258 11.30 36.54 -16.44
N VAL B 259 11.64 35.49 -17.19
CA VAL B 259 11.65 35.51 -18.70
C VAL B 259 10.31 35.02 -19.23
N HIS B 260 9.61 34.21 -18.43
CA HIS B 260 8.51 33.31 -18.84
C HIS B 260 7.51 33.18 -17.70
N SER B 261 6.23 33.04 -18.06
CA SER B 261 5.06 32.87 -17.16
C SER B 261 4.90 31.40 -16.75
N GLN B 262 5.81 30.51 -17.17
CA GLN B 262 5.66 29.05 -16.90
C GLN B 262 6.96 28.30 -17.10
N CYS B 263 7.01 27.09 -16.58
CA CYS B 263 8.21 26.24 -16.44
C CYS B 263 9.13 26.30 -17.67
N VAL B 264 10.41 26.64 -17.47
CA VAL B 264 11.44 26.79 -18.56
C VAL B 264 11.92 25.40 -18.96
N THR B 265 11.66 25.01 -20.19
CA THR B 265 11.80 23.62 -20.67
C THR B 265 13.20 23.44 -21.27
N GLY B 266 13.75 24.46 -21.92
CA GLY B 266 15.05 24.35 -22.58
C GLY B 266 15.89 25.65 -22.54
N LEU B 267 17.21 25.49 -22.47
CA LEU B 267 18.15 26.62 -22.56
C LEU B 267 19.26 26.19 -23.50
N VAL B 268 19.38 26.90 -24.62
CA VAL B 268 20.37 26.57 -25.68
C VAL B 268 21.10 27.86 -25.98
N PHE B 269 22.42 27.83 -25.75
CA PHE B 269 23.38 28.92 -26.06
C PHE B 269 23.71 28.86 -27.57
N SER B 270 23.73 30.06 -28.17
CA SER B 270 23.99 30.30 -29.60
C SER B 270 25.46 29.99 -29.91
N PRO B 271 25.84 29.81 -31.19
CA PRO B 271 27.23 29.47 -31.54
C PRO B 271 28.23 30.65 -31.59
N HIS B 272 27.76 31.88 -31.87
CA HIS B 272 28.43 33.20 -31.64
C HIS B 272 29.46 33.17 -30.50
N SER B 273 30.47 34.07 -30.62
CA SER B 273 31.61 34.31 -29.69
C SER B 273 31.16 34.99 -28.38
N VAL B 274 30.44 36.13 -28.49
CA VAL B 274 29.56 36.69 -27.42
C VAL B 274 28.16 36.07 -27.61
N PRO B 275 27.87 34.86 -27.03
CA PRO B 275 26.79 34.00 -27.50
C PRO B 275 25.43 34.28 -26.84
N PHE B 276 24.32 34.27 -27.60
CA PHE B 276 22.94 34.56 -27.12
C PHE B 276 22.35 33.32 -26.46
N LEU B 277 21.41 33.55 -25.54
CA LEU B 277 20.70 32.48 -24.79
C LEU B 277 19.26 32.40 -25.31
N ALA B 278 18.93 31.29 -25.96
CA ALA B 278 17.55 30.89 -26.37
C ALA B 278 16.90 30.13 -25.19
N SER B 279 15.71 30.59 -24.71
CA SER B 279 14.90 29.93 -23.65
C SER B 279 13.49 29.61 -24.17
N LEU B 280 13.01 28.39 -23.92
CA LEU B 280 11.66 27.93 -24.32
C LEU B 280 10.88 27.42 -23.11
N SER B 281 9.56 27.59 -23.17
CA SER B 281 8.62 27.44 -22.01
C SER B 281 7.36 26.67 -22.42
N GLU B 282 6.67 26.16 -21.41
CA GLU B 282 5.30 25.62 -21.55
C GLU B 282 4.37 26.80 -21.85
N ASP B 283 4.81 28.05 -21.62
CA ASP B 283 3.97 29.26 -21.90
C ASP B 283 3.81 29.42 -23.42
N CYS B 284 4.50 28.58 -24.19
CA CYS B 284 4.41 28.44 -25.67
C CYS B 284 5.33 29.45 -26.36
N SER B 285 6.11 30.24 -25.60
CA SER B 285 6.98 31.29 -26.16
C SER B 285 8.46 30.85 -26.22
N LEU B 286 9.20 31.50 -27.13
CA LEU B 286 10.68 31.48 -27.30
C LEU B 286 11.14 32.90 -27.00
N ALA B 287 12.15 33.05 -26.13
CA ALA B 287 12.93 34.28 -25.89
C ALA B 287 14.39 34.06 -26.29
N VAL B 288 15.06 35.13 -26.69
CA VAL B 288 16.53 35.13 -26.82
C VAL B 288 17.06 36.28 -25.95
N LEU B 289 17.97 35.92 -25.00
CA LEU B 289 18.59 36.80 -23.99
C LEU B 289 20.09 37.07 -24.28
N ASP B 290 20.59 38.20 -23.80
CA ASP B 290 22.05 38.46 -23.81
C ASP B 290 22.67 38.03 -22.45
N SER B 291 23.99 38.26 -22.37
CA SER B 291 24.90 38.07 -21.21
C SER B 291 24.26 38.45 -19.87
N SER B 292 23.38 39.46 -19.85
CA SER B 292 22.79 40.05 -18.63
C SER B 292 21.33 39.58 -18.46
N LEU B 293 20.95 38.54 -19.21
CA LEU B 293 19.56 38.01 -19.31
C LEU B 293 18.55 39.12 -19.65
N SER B 294 18.95 40.11 -20.44
CA SER B 294 18.03 41.08 -21.07
C SER B 294 17.39 40.44 -22.31
N GLU B 295 16.13 40.80 -22.61
CA GLU B 295 15.32 40.27 -23.75
C GLU B 295 15.60 41.06 -25.04
N LEU B 296 16.01 40.37 -26.12
CA LEU B 296 16.24 40.95 -27.47
C LEU B 296 15.22 40.40 -28.47
N PHE B 297 14.74 39.17 -28.28
CA PHE B 297 13.76 38.53 -29.19
C PHE B 297 12.71 37.82 -28.34
N ARG B 298 11.52 37.68 -28.93
CA ARG B 298 10.29 37.06 -28.35
C ARG B 298 9.52 36.41 -29.50
N SER B 299 9.06 35.17 -29.40
CA SER B 299 8.22 34.56 -30.48
C SER B 299 7.05 33.69 -29.96
N GLN B 300 5.87 34.01 -30.49
CA GLN B 300 4.56 33.41 -30.10
C GLN B 300 4.03 32.56 -31.26
N ALA B 301 4.84 32.32 -32.30
CA ALA B 301 4.47 31.54 -33.49
C ALA B 301 4.00 30.12 -33.13
N HIS B 302 4.40 29.59 -31.97
CA HIS B 302 3.93 28.27 -31.49
C HIS B 302 2.58 28.45 -30.78
N ARG B 303 1.63 27.54 -31.04
CA ARG B 303 0.29 27.55 -30.39
C ARG B 303 0.15 26.37 -29.40
N ASP B 304 1.20 25.57 -29.20
CA ASP B 304 1.33 24.59 -28.08
C ASP B 304 2.73 24.76 -27.47
N PHE B 305 3.11 23.86 -26.56
CA PHE B 305 4.42 23.86 -25.87
C PHE B 305 5.56 23.86 -26.89
N VAL B 306 6.64 24.60 -26.56
CA VAL B 306 7.92 24.67 -27.34
C VAL B 306 8.89 23.74 -26.65
N ARG B 307 9.50 22.81 -27.38
CA ARG B 307 10.22 21.66 -26.77
C ARG B 307 11.73 21.77 -27.06
N ASP B 308 12.10 22.29 -28.22
CA ASP B 308 13.52 22.42 -28.56
C ASP B 308 13.79 23.76 -29.27
N ALA B 309 15.04 24.19 -29.19
CA ALA B 309 15.64 25.15 -30.14
C ALA B 309 17.04 24.66 -30.49
N THR B 310 17.57 25.10 -31.63
CA THR B 310 18.93 24.78 -32.11
C THR B 310 19.33 25.90 -33.07
N TRP B 311 20.47 26.55 -32.80
CA TRP B 311 21.02 27.61 -33.72
C TRP B 311 21.65 26.93 -34.94
N SER B 312 21.37 27.43 -36.15
CA SER B 312 22.04 27.03 -37.42
C SER B 312 23.56 27.27 -37.32
N PRO B 313 24.38 26.29 -37.75
CA PRO B 313 25.83 26.46 -37.86
C PRO B 313 26.24 27.09 -39.20
N LEU B 314 25.40 27.03 -40.24
CA LEU B 314 25.58 27.85 -41.46
C LEU B 314 25.31 29.31 -41.08
N ASN B 315 24.06 29.69 -40.80
CA ASN B 315 23.65 31.07 -40.40
C ASN B 315 23.49 31.15 -38.87
N HIS B 316 24.30 31.95 -38.19
CA HIS B 316 24.29 32.08 -36.71
C HIS B 316 23.08 32.93 -36.28
N SER B 317 22.37 33.56 -37.21
CA SER B 317 21.16 34.35 -36.87
C SER B 317 19.89 33.50 -37.01
N LEU B 318 19.93 32.34 -37.70
CA LEU B 318 18.78 31.41 -37.80
C LEU B 318 18.76 30.54 -36.55
N LEU B 319 17.58 30.46 -35.97
CA LEU B 319 17.29 29.62 -34.79
C LEU B 319 16.00 28.86 -35.08
N THR B 320 16.03 27.54 -34.90
CA THR B 320 14.96 26.60 -35.30
C THR B 320 14.28 26.11 -34.02
N THR B 321 12.97 26.35 -33.84
CA THR B 321 12.19 25.82 -32.69
C THR B 321 11.13 24.86 -33.18
N VAL B 322 10.96 23.76 -32.49
CA VAL B 322 9.85 22.82 -32.77
C VAL B 322 8.89 22.84 -31.58
N GLY B 323 7.68 22.37 -31.78
CA GLY B 323 6.62 22.42 -30.75
C GLY B 323 5.72 21.19 -30.76
N TRP B 324 4.75 21.15 -29.85
CA TRP B 324 3.72 20.08 -29.80
C TRP B 324 2.63 20.40 -30.81
N ASP B 325 2.49 21.67 -31.17
CA ASP B 325 1.64 22.12 -32.30
C ASP B 325 2.20 21.56 -33.64
N HIS B 326 3.29 20.79 -33.64
CA HIS B 326 3.79 20.05 -34.84
C HIS B 326 4.40 21.02 -35.87
N GLN B 327 4.73 22.22 -35.40
CA GLN B 327 5.30 23.31 -36.23
C GLN B 327 6.85 23.19 -36.16
N VAL B 328 7.55 23.45 -37.27
CA VAL B 328 9.04 23.61 -37.29
C VAL B 328 9.30 25.05 -37.72
N VAL B 329 9.42 25.99 -36.78
CA VAL B 329 9.60 27.43 -37.12
C VAL B 329 11.10 27.72 -37.29
N HIS B 330 11.43 28.68 -38.18
CA HIS B 330 12.80 29.22 -38.46
C HIS B 330 12.82 30.73 -38.18
N HIS B 331 13.47 31.16 -37.11
CA HIS B 331 13.47 32.56 -36.65
C HIS B 331 14.77 33.21 -37.14
N VAL B 332 14.68 34.36 -37.81
CA VAL B 332 15.82 35.28 -38.01
C VAL B 332 15.87 36.09 -36.71
N VAL B 333 16.87 35.83 -35.87
CA VAL B 333 17.07 36.50 -34.55
C VAL B 333 17.80 37.79 -34.87
N PRO B 334 17.36 38.98 -34.38
CA PRO B 334 18.11 40.22 -34.61
C PRO B 334 19.37 40.21 -33.71
N THR B 335 20.53 39.86 -34.29
CA THR B 335 21.80 39.57 -33.57
C THR B 335 22.63 40.88 -33.40
N1 K8N C . -30.11 -20.25 32.87
C1 K8N C . -29.98 -21.26 32.00
N2 K8N C . -30.65 -22.39 32.27
C2 K8N C . -30.53 -23.41 31.41
N3 K8N C . -29.84 -23.47 30.27
C3 K8N C . -29.18 -22.32 30.03
C4 K8N C . -29.22 -21.19 30.83
C5 K8N C . -28.39 -20.22 30.19
C6 K8N C . -27.89 -20.78 29.06
N4 K8N C . -28.37 -22.06 28.96
C7 K8N C . -28.11 -22.97 27.85
C8 K8N C . -26.63 -23.22 27.58
C9 K8N C . -26.51 -23.67 26.12
C10 K8N C . -25.27 -23.11 25.43
C11 K8N C . -23.94 -23.49 26.06
C12 K8N C . -22.81 -23.21 25.10
C13 K8N C . -22.27 -24.26 24.32
C14 K8N C . -21.29 -24.02 23.41
C15 K8N C . -20.81 -22.71 23.23
C16 K8N C . -19.80 -22.40 22.32
C17 K8N C . -19.40 -21.12 22.21
BR1 K8N C . -18.08 -20.69 20.92
C18 K8N C . -20.00 -20.09 22.99
N5 K8N C . -19.58 -18.81 22.86
N6 K8N C . -20.93 -20.35 23.88
C19 K8N C . -21.36 -21.65 24.00
C20 K8N C . -22.36 -21.94 24.93
C21 K8N C . -27.83 -23.25 25.47
O1 K8N C . -28.49 -24.42 25.01
C22 K8N C . -28.58 -22.41 26.50
O2 K8N C . -29.99 -22.45 26.38
#